data_9I92
#
_entry.id   9I92
#
_cell.length_a   1.00
_cell.length_b   1.00
_cell.length_c   1.00
_cell.angle_alpha   90.00
_cell.angle_beta   90.00
_cell.angle_gamma   90.00
#
_symmetry.space_group_name_H-M   'P 1'
#
loop_
_entity.id
_entity.type
_entity.pdbx_description
1 polymer 'LPS-assembly protein LptD'
2 polymer 'LPS-assembly lipoprotein LptE'
3 polymer 'Compound 1 - Bicyclic Peptide binder'
4 non-polymer DODECYL-BETA-D-MALTOSIDE
5 non-polymer 1-[4,7-bis(2-chloranylethanoyl)-1,4,7-triazonan-1-yl]-2-chloranyl-ethanone
#
loop_
_entity_poly.entity_id
_entity_poly.type
_entity_poly.pdbx_seq_one_letter_code
_entity_poly.pdbx_strand_id
1 'polypeptide(L)'
;ADLASQCMLGVPSYDRPLVQGDTNDLPVTINADHAKGDYPDDAVFTGSVDIMQGNSRLQADEVQLHQKEAPGQPEPVRTV
DALGNVHYDDNQVILKGPKGWANLNTKDTNVWEGDYQMVGRQGRGKADLMKQRGENRYTILDNGSFTSCLPGSDTWSVVG
SEIIHDREEQVAEIWNARFKVGPVPIFYSPYLQLPVGDKRRSGFLIPNAKYTTTNYFEFYLPYYWNIAPNMDATITPHYM
HRRGNIMWENEFRYLSQAGAGLMELDYLPSDKVYEDEHPNDDSSRRWLFYWNHSGVMDQVWRFNVDYTKVSDPSYFNDFD
NKYGSSTDGYATQKFSVGYAVQNFNATVSTKQFQVFSEQNTSSYSAEPQLDVNYYQNDVGPFDTRIYGQAVHFVNTRDDM
PEATRVHLEPTINLPLSNNWGSINTEAKFLATHYQQTNLDWYNSRNTTKLDESVNRVMPQFKVDGKMVFERDMEMLAPGY
TQTLEPRAQYLYVPYRDQSDIYNYDSSLLQSDYSGLFRDRTYGGLDRIASANQVTTGVTSRIYDDAAVERFNISVGQIYY
FTESRTGDDNITWENDDKTGSLVWAGDTYWRISERWGLRGGIQYDTRLDNVATSNSSIEYRRDEDRLVQLNYHYASPEYI
QATLPKYYSTAEQYKNGISQVGAVASRPIADRWSIVGAYYYDTNANKQADSMLGVQYSSCCYAIRVGYERKLNGWDNDKQ
HAVYDNAIGFNIELRGLSSNYGLGTQEMLRSNILPYQNTL
;
A
2 'polypeptide(L)'
;CGWHLRDTTQVPSTMKVMILDSGDPNGPLSRAVRNQLRLNGVELLDKETTRKDVPSLRLGKVSIAKDTASVFRNGQTAEY
QMIMTVNATVLIPGRDIYPISAKVFRSFFDNPQMALAKDNEQDMIVKEMYDRAAEQLIRKLPSIRAADIRSDEEQTSTTT
DTPATPARVSTMLGNHHHHHH
;
B
3 'polypeptide(L)' ACKWENDIWHCMWMDCA(NH2) C
#
loop_
_chem_comp.id
_chem_comp.type
_chem_comp.name
_chem_comp.formula
A1I1D non-polymer 1-[4,7-bis(2-chloranylethanoyl)-1,4,7-triazonan-1-yl]-2-chloranyl-ethanone 'C12 H18 Cl3 N3 O3'
LMT D-saccharide DODECYL-BETA-D-MALTOSIDE 'C24 H46 O11'
NH2 non-polymer 'AMINO GROUP' 'H2 N'
#
# COMPACT_ATOMS: atom_id res chain seq x y z
N ARG A 201 -17.94 35.45 5.05
CA ARG A 201 -16.73 35.15 4.30
C ARG A 201 -15.60 34.65 5.21
N SER A 202 -15.27 35.43 6.24
CA SER A 202 -14.21 35.10 7.17
C SER A 202 -14.66 35.46 8.58
N GLY A 203 -14.56 34.50 9.49
CA GLY A 203 -14.99 34.74 10.85
C GLY A 203 -14.83 33.52 11.72
N PHE A 204 -15.66 33.45 12.75
CA PHE A 204 -15.57 32.39 13.76
C PHE A 204 -16.51 31.26 13.40
N LEU A 205 -16.00 30.03 13.44
CA LEU A 205 -16.86 28.87 13.32
C LEU A 205 -17.43 28.49 14.69
N ILE A 206 -18.31 27.49 14.69
CA ILE A 206 -18.92 27.07 15.96
C ILE A 206 -17.89 26.37 16.82
N PRO A 207 -17.67 26.80 18.06
CA PRO A 207 -16.71 26.11 18.93
C PRO A 207 -17.18 24.70 19.25
N ASN A 208 -16.23 23.79 19.43
CA ASN A 208 -16.59 22.39 19.69
C ASN A 208 -15.81 21.86 20.88
N ALA A 209 -16.45 20.97 21.63
CA ALA A 209 -15.93 20.50 22.91
C ALA A 209 -15.74 18.99 22.89
N LYS A 210 -14.87 18.53 23.79
CA LYS A 210 -14.55 17.12 23.91
C LYS A 210 -14.15 16.84 25.35
N TYR A 211 -14.26 15.58 25.76
CA TYR A 211 -13.76 15.11 27.05
C TYR A 211 -12.97 13.83 26.77
N THR A 212 -11.66 13.90 27.01
CA THR A 212 -10.79 12.75 26.90
C THR A 212 -10.15 12.45 28.25
N THR A 213 -9.67 11.22 28.40
CA THR A 213 -8.90 10.84 29.57
C THR A 213 -7.47 11.32 29.52
N THR A 214 -7.03 11.87 28.38
CA THR A 214 -5.67 12.38 28.24
C THR A 214 -5.57 13.85 28.63
N ASN A 215 -6.55 14.67 28.24
CA ASN A 215 -6.50 16.10 28.53
C ASN A 215 -7.74 16.59 29.28
N TYR A 216 -8.60 15.68 29.75
CA TYR A 216 -9.85 16.03 30.41
C TYR A 216 -10.75 16.84 29.47
N PHE A 217 -11.11 18.05 29.87
CA PHE A 217 -11.98 18.89 29.07
C PHE A 217 -11.15 19.63 28.02
N GLU A 218 -11.61 19.59 26.77
CA GLU A 218 -10.93 20.21 25.65
C GLU A 218 -11.90 21.09 24.89
N PHE A 219 -11.49 22.33 24.62
CA PHE A 219 -12.34 23.31 23.95
C PHE A 219 -11.65 23.81 22.69
N TYR A 220 -12.41 23.96 21.61
CA TYR A 220 -11.90 24.43 20.33
C TYR A 220 -12.68 25.66 19.89
N LEU A 221 -11.96 26.72 19.51
CA LEU A 221 -12.56 27.97 19.06
C LEU A 221 -12.00 28.34 17.69
N PRO A 222 -12.44 27.67 16.63
CA PRO A 222 -11.84 27.89 15.31
C PRO A 222 -12.20 29.24 14.73
N TYR A 223 -11.30 29.77 13.90
CA TYR A 223 -11.52 31.00 13.14
C TYR A 223 -11.08 30.75 11.71
N TYR A 224 -11.95 31.06 10.76
CA TYR A 224 -11.69 30.81 9.34
C TYR A 224 -11.35 32.12 8.65
N TRP A 225 -10.30 32.09 7.82
CA TRP A 225 -9.81 33.28 7.13
C TRP A 225 -9.67 32.92 5.66
N ASN A 226 -10.52 33.51 4.82
CA ASN A 226 -10.47 33.30 3.37
C ASN A 226 -9.53 34.36 2.81
N ILE A 227 -8.25 34.01 2.66
CA ILE A 227 -7.25 34.99 2.26
C ILE A 227 -7.46 35.41 0.81
N ALA A 228 -7.81 34.46 -0.03
CA ALA A 228 -8.07 34.65 -1.44
C ALA A 228 -8.61 33.34 -1.99
N PRO A 229 -9.06 33.29 -3.24
CA PRO A 229 -9.30 31.98 -3.86
C PRO A 229 -8.02 31.17 -3.91
N ASN A 230 -8.14 29.87 -3.66
CA ASN A 230 -7.02 28.94 -3.50
C ASN A 230 -6.16 29.25 -2.27
N MET A 231 -6.68 29.98 -1.29
CA MET A 231 -5.91 30.27 -0.07
C MET A 231 -6.88 30.42 1.11
N ASP A 232 -6.98 29.37 1.92
CA ASP A 232 -7.74 29.39 3.16
C ASP A 232 -6.79 29.18 4.33
N ALA A 233 -7.15 29.77 5.47
CA ALA A 233 -6.43 29.57 6.71
C ALA A 233 -7.42 29.34 7.83
N THR A 234 -6.98 28.60 8.85
CA THR A 234 -7.81 28.31 10.01
C THR A 234 -6.93 28.41 11.25
N ILE A 235 -7.28 29.33 12.14
CA ILE A 235 -6.58 29.54 13.40
C ILE A 235 -7.47 29.03 14.52
N THR A 236 -7.01 28.01 15.23
CA THR A 236 -7.82 27.36 16.26
C THR A 236 -7.10 27.43 17.60
N PRO A 237 -7.59 28.22 18.55
CA PRO A 237 -7.22 27.99 19.95
C PRO A 237 -7.87 26.71 20.46
N HIS A 238 -7.07 25.86 21.08
CA HIS A 238 -7.50 24.58 21.62
C HIS A 238 -7.06 24.56 23.07
N TYR A 239 -7.99 24.85 23.97
CA TYR A 239 -7.69 24.84 25.39
C TYR A 239 -7.77 23.42 25.92
N MET A 240 -6.69 22.98 26.56
CA MET A 240 -6.61 21.69 27.23
C MET A 240 -6.47 21.93 28.72
N HIS A 241 -7.32 21.28 29.50
CA HIS A 241 -7.46 21.58 30.92
C HIS A 241 -6.46 20.80 31.77
N ARG A 242 -6.25 19.52 31.45
CA ARG A 242 -5.26 18.73 32.17
C ARG A 242 -3.86 19.29 31.99
N ARG A 243 -3.54 19.71 30.77
CA ARG A 243 -2.27 20.37 30.50
C ARG A 243 -2.32 21.86 30.83
N GLY A 244 -3.51 22.40 31.09
CA GLY A 244 -3.68 23.75 31.58
C GLY A 244 -3.14 24.83 30.66
N ASN A 245 -3.40 24.72 29.37
CA ASN A 245 -2.83 25.70 28.44
C ASN A 245 -3.66 25.71 27.16
N ILE A 246 -3.22 26.51 26.20
CA ILE A 246 -3.88 26.63 24.90
C ILE A 246 -2.87 26.24 23.83
N MET A 247 -3.21 25.24 23.03
CA MET A 247 -2.46 24.91 21.83
C MET A 247 -3.00 25.72 20.67
N TRP A 248 -2.12 26.36 19.93
CA TRP A 248 -2.50 27.14 18.76
C TRP A 248 -2.30 26.28 17.52
N GLU A 249 -3.38 26.02 16.80
CA GLU A 249 -3.35 25.21 15.60
C GLU A 249 -3.58 26.10 14.39
N ASN A 250 -2.71 26.00 13.40
CA ASN A 250 -2.78 26.85 12.21
C ASN A 250 -2.78 25.96 10.97
N GLU A 251 -3.89 25.96 10.26
CA GLU A 251 -4.03 25.20 9.02
C GLU A 251 -4.04 26.17 7.84
N PHE A 252 -3.37 25.77 6.75
CA PHE A 252 -3.26 26.59 5.56
C PHE A 252 -3.46 25.71 4.34
N ARG A 253 -4.54 25.95 3.60
CA ARG A 253 -4.84 25.21 2.38
C ARG A 253 -4.61 26.12 1.18
N TYR A 254 -3.88 25.61 0.18
CA TYR A 254 -3.57 26.39 -1.00
C TYR A 254 -3.71 25.53 -2.25
N LEU A 255 -4.05 26.21 -3.35
CA LEU A 255 -4.05 25.62 -4.68
C LEU A 255 -3.21 26.50 -5.59
N SER A 256 -2.30 25.88 -6.34
CA SER A 256 -1.42 26.61 -7.24
C SER A 256 -1.16 25.76 -8.47
N GLN A 257 -0.39 26.32 -9.41
CA GLN A 257 -0.05 25.60 -10.63
C GLN A 257 0.77 24.35 -10.33
N ALA A 258 1.56 24.37 -9.25
CA ALA A 258 2.31 23.20 -8.84
C ALA A 258 1.45 22.14 -8.18
N GLY A 259 0.19 22.45 -7.83
CA GLY A 259 -0.69 21.45 -7.27
C GLY A 259 -1.40 21.97 -6.04
N ALA A 260 -1.96 21.04 -5.27
CA ALA A 260 -2.73 21.36 -4.07
C ALA A 260 -1.93 20.98 -2.84
N GLY A 261 -1.96 21.85 -1.82
CA GLY A 261 -1.17 21.63 -0.63
C GLY A 261 -1.92 22.06 0.62
N LEU A 262 -1.48 21.48 1.74
CA LEU A 262 -2.04 21.76 3.05
C LEU A 262 -0.92 21.70 4.08
N MET A 263 -0.77 22.78 4.84
CA MET A 263 0.19 22.86 5.94
C MET A 263 -0.56 22.97 7.25
N GLU A 264 0.03 22.40 8.29
CA GLU A 264 -0.52 22.44 9.64
C GLU A 264 0.61 22.68 10.63
N LEU A 265 0.39 23.60 11.56
CA LEU A 265 1.37 23.94 12.57
C LEU A 265 0.66 24.05 13.91
N ASP A 266 0.90 23.08 14.79
CA ASP A 266 0.34 23.06 16.13
C ASP A 266 1.44 23.37 17.13
N TYR A 267 1.20 24.33 18.01
CA TYR A 267 2.21 24.76 18.98
C TYR A 267 1.57 24.90 20.36
N LEU A 268 2.08 24.13 21.32
CA LEU A 268 1.71 24.27 22.73
C LEU A 268 2.93 24.80 23.48
N PRO A 269 2.89 26.03 24.00
CA PRO A 269 4.09 26.63 24.61
C PRO A 269 4.61 25.88 25.83
N SER A 270 3.73 25.28 26.62
CA SER A 270 4.16 24.53 27.79
C SER A 270 3.14 23.45 28.08
N ASP A 271 3.59 22.41 28.79
CA ASP A 271 2.76 21.25 29.09
C ASP A 271 3.03 20.82 30.53
N LYS A 272 1.99 20.86 31.36
CA LYS A 272 2.15 20.48 32.76
C LYS A 272 2.38 18.98 32.90
N VAL A 273 1.64 18.17 32.14
CA VAL A 273 1.79 16.72 32.23
C VAL A 273 3.16 16.29 31.73
N TYR A 274 3.59 16.86 30.60
CA TYR A 274 4.90 16.53 30.05
C TYR A 274 6.00 17.02 30.98
N GLU A 275 5.80 18.17 31.64
CA GLU A 275 6.77 18.65 32.61
C GLU A 275 6.86 17.71 33.80
N ASP A 276 5.72 17.20 34.28
CA ASP A 276 5.73 16.28 35.41
C ASP A 276 6.41 14.96 35.04
N GLU A 277 6.13 14.45 33.84
CA GLU A 277 6.76 13.20 33.41
C GLU A 277 8.21 13.39 33.01
N HIS A 278 8.62 14.62 32.71
CA HIS A 278 10.00 14.93 32.31
C HIS A 278 10.47 16.14 33.11
N PRO A 279 10.69 15.98 34.41
CA PRO A 279 11.04 17.14 35.24
C PRO A 279 12.44 17.68 34.97
N ASN A 280 13.32 16.90 34.34
CA ASN A 280 14.66 17.36 34.02
C ASN A 280 14.77 18.00 32.65
N ASP A 281 13.68 18.00 31.88
CA ASP A 281 13.71 18.61 30.54
C ASP A 281 13.82 20.12 30.65
N ASP A 282 14.48 20.71 29.65
CA ASP A 282 14.63 22.16 29.62
C ASP A 282 13.30 22.87 29.42
N SER A 283 12.54 22.44 28.42
CA SER A 283 11.25 23.05 28.10
C SER A 283 10.22 21.96 27.85
N SER A 284 8.97 22.26 28.20
CA SER A 284 7.88 21.32 28.04
C SER A 284 7.00 21.63 26.84
N ARG A 285 7.45 22.49 25.94
CA ARG A 285 6.64 22.85 24.78
C ARG A 285 6.53 21.67 23.82
N ARG A 286 5.37 21.57 23.17
CA ARG A 286 5.10 20.54 22.18
C ARG A 286 4.74 21.21 20.86
N TRP A 287 5.02 20.53 19.75
CA TRP A 287 4.66 21.11 18.47
C TRP A 287 4.61 20.02 17.42
N LEU A 288 3.89 20.31 16.33
CA LEU A 288 3.77 19.41 15.19
C LEU A 288 3.70 20.24 13.93
N PHE A 289 4.54 19.90 12.96
CA PHE A 289 4.52 20.52 11.64
C PHE A 289 4.21 19.47 10.60
N TYR A 290 3.20 19.73 9.77
CA TYR A 290 2.75 18.81 8.75
C TYR A 290 2.61 19.56 7.44
N TRP A 291 3.02 18.91 6.35
CA TRP A 291 2.91 19.51 5.02
C TRP A 291 2.63 18.40 4.02
N ASN A 292 1.51 18.51 3.31
CA ASN A 292 1.15 17.56 2.27
C ASN A 292 0.89 18.33 0.99
N HIS A 293 1.71 18.09 -0.02
CA HIS A 293 1.57 18.72 -1.32
C HIS A 293 1.57 17.65 -2.39
N SER A 294 0.67 17.79 -3.36
CA SER A 294 0.62 16.88 -4.49
C SER A 294 0.23 17.68 -5.73
N GLY A 295 1.01 17.54 -6.80
CA GLY A 295 0.68 18.26 -8.01
C GLY A 295 1.40 17.73 -9.22
N VAL A 296 0.76 17.86 -10.38
CA VAL A 296 1.38 17.61 -11.68
C VAL A 296 1.19 18.87 -12.51
N MET A 297 2.31 19.45 -12.94
CA MET A 297 2.34 20.70 -13.67
C MET A 297 2.76 20.45 -15.11
N ASP A 298 1.93 20.90 -16.06
CA ASP A 298 2.17 20.80 -17.50
C ASP A 298 2.23 19.36 -18.00
N GLN A 299 1.70 18.41 -17.22
CA GLN A 299 1.66 16.97 -17.49
C GLN A 299 3.02 16.30 -17.40
N VAL A 300 4.09 17.03 -17.11
CA VAL A 300 5.43 16.48 -17.09
C VAL A 300 6.08 16.60 -15.71
N TRP A 301 5.85 17.69 -15.00
CA TRP A 301 6.47 17.89 -13.69
C TRP A 301 5.57 17.33 -12.60
N ARG A 302 6.17 16.61 -11.66
CA ARG A 302 5.43 16.01 -10.56
C ARG A 302 6.09 16.44 -9.25
N PHE A 303 5.33 17.11 -8.40
CA PHE A 303 5.81 17.58 -7.11
C PHE A 303 5.04 16.89 -6.01
N ASN A 304 5.76 16.26 -5.07
CA ASN A 304 5.14 15.57 -3.95
C ASN A 304 5.88 15.91 -2.67
N VAL A 305 5.12 16.23 -1.62
CA VAL A 305 5.66 16.47 -0.29
C VAL A 305 4.76 15.78 0.71
N ASP A 306 5.35 14.97 1.58
CA ASP A 306 4.62 14.30 2.66
C ASP A 306 5.52 14.39 3.89
N TYR A 307 5.36 15.46 4.66
CA TYR A 307 6.31 15.80 5.73
C TYR A 307 5.56 15.88 7.04
N THR A 308 6.01 15.13 8.04
CA THR A 308 5.49 15.23 9.40
C THR A 308 6.66 15.29 10.36
N LYS A 309 6.61 16.23 11.30
CA LYS A 309 7.68 16.35 12.28
C LYS A 309 7.08 16.79 13.60
N VAL A 310 7.26 15.98 14.65
CA VAL A 310 6.75 16.28 15.97
C VAL A 310 7.92 16.56 16.90
N SER A 311 7.61 17.22 18.02
CA SER A 311 8.65 17.59 18.97
C SER A 311 9.14 16.40 19.78
N ASP A 312 8.27 15.44 20.05
CA ASP A 312 8.60 14.31 20.91
C ASP A 312 7.86 13.09 20.41
N PRO A 313 8.34 11.88 20.75
CA PRO A 313 7.68 10.66 20.25
C PRO A 313 6.28 10.44 20.81
N SER A 314 5.93 11.06 21.93
CA SER A 314 4.65 10.84 22.58
C SER A 314 3.58 11.83 22.15
N TYR A 315 3.77 12.52 21.02
CA TYR A 315 2.82 13.55 20.60
C TYR A 315 1.47 12.95 20.23
N PHE A 316 1.47 11.91 19.40
CA PHE A 316 0.22 11.36 18.89
C PHE A 316 -0.52 10.51 19.92
N ASN A 317 0.13 10.14 21.02
CA ASN A 317 -0.55 9.49 22.13
C ASN A 317 -1.21 10.48 23.06
N ASP A 318 -0.92 11.77 22.88
CA ASP A 318 -1.42 12.79 23.82
C ASP A 318 -2.35 13.78 23.11
N PHE A 319 -2.19 13.94 21.80
CA PHE A 319 -2.97 15.00 21.11
C PHE A 319 -3.86 14.43 20.02
N ASP A 320 -4.76 15.27 19.48
CA ASP A 320 -5.72 14.83 18.44
C ASP A 320 -4.99 14.17 17.28
N ASN A 321 -5.68 13.22 16.63
CA ASN A 321 -5.05 12.48 15.52
C ASN A 321 -5.66 12.93 14.19
N LYS A 322 -5.30 14.13 13.73
CA LYS A 322 -5.85 14.66 12.46
C LYS A 322 -4.95 14.27 11.29
N TYR A 323 -3.66 14.55 11.39
CA TYR A 323 -2.71 14.26 10.28
C TYR A 323 -1.77 13.15 10.72
N GLY A 324 -1.98 12.63 11.92
CA GLY A 324 -1.19 11.53 12.44
C GLY A 324 -2.10 10.63 13.24
N SER A 325 -1.52 9.55 13.75
CA SER A 325 -2.28 8.59 14.53
C SER A 325 -1.43 8.09 15.68
N SER A 326 -2.10 7.64 16.74
CA SER A 326 -1.41 6.99 17.84
C SER A 326 -0.95 5.58 17.47
N THR A 327 -1.51 5.01 16.40
CA THR A 327 -1.06 3.73 15.87
C THR A 327 0.23 3.84 15.08
N ASP A 328 0.66 5.05 14.73
CA ASP A 328 1.88 5.24 13.95
C ASP A 328 3.11 4.96 14.80
N GLY A 329 4.08 4.27 14.21
CA GLY A 329 5.36 4.03 14.84
C GLY A 329 6.45 4.99 14.47
N TYR A 330 6.22 5.82 13.46
CA TYR A 330 7.20 6.79 13.02
C TYR A 330 6.51 7.85 12.17
N ALA A 331 7.22 8.96 11.97
CA ALA A 331 6.77 10.06 11.13
C ALA A 331 7.61 10.09 9.86
N THR A 332 6.95 10.26 8.72
CA THR A 332 7.59 10.25 7.42
C THR A 332 7.82 11.67 6.93
N GLN A 333 8.98 11.90 6.31
CA GLN A 333 9.34 13.21 5.77
C GLN A 333 9.93 12.98 4.38
N LYS A 334 9.09 13.14 3.36
CA LYS A 334 9.44 12.79 1.98
C LYS A 334 9.25 13.99 1.09
N PHE A 335 10.26 14.27 0.27
CA PHE A 335 10.18 15.24 -0.81
C PHE A 335 10.46 14.53 -2.13
N SER A 336 9.80 14.95 -3.19
CA SER A 336 9.99 14.29 -4.48
C SER A 336 9.68 15.26 -5.61
N VAL A 337 10.62 15.37 -6.56
CA VAL A 337 10.42 16.13 -7.79
C VAL A 337 10.75 15.20 -8.96
N GLY A 338 9.82 15.06 -9.88
CA GLY A 338 9.99 14.15 -10.99
C GLY A 338 9.63 14.78 -12.31
N TYR A 339 10.28 14.30 -13.37
CA TYR A 339 9.97 14.65 -14.74
C TYR A 339 9.56 13.37 -15.46
N ALA A 340 8.36 13.34 -16.00
CA ALA A 340 7.81 12.14 -16.60
C ALA A 340 7.23 12.45 -17.98
N VAL A 341 7.76 11.79 -19.00
CA VAL A 341 7.19 11.76 -20.33
C VAL A 341 6.95 10.30 -20.70
N GLN A 342 6.34 10.11 -21.88
CA GLN A 342 5.71 8.84 -22.23
C GLN A 342 6.68 7.66 -22.24
N ASN A 343 7.95 7.92 -22.53
N ASN A 343 7.95 7.93 -22.52
CA ASN A 343 8.96 6.87 -22.56
CA ASN A 343 8.98 6.89 -22.57
C ASN A 343 10.11 7.14 -21.59
C ASN A 343 10.11 7.12 -21.58
N PHE A 344 9.95 8.05 -20.64
CA PHE A 344 11.07 8.40 -19.77
C PHE A 344 10.55 8.96 -18.45
N ASN A 345 11.27 8.68 -17.38
CA ASN A 345 11.00 9.39 -16.14
C ASN A 345 12.26 9.46 -15.30
N ALA A 346 12.42 10.60 -14.62
CA ALA A 346 13.56 10.83 -13.74
C ALA A 346 13.06 11.55 -12.50
N THR A 347 13.27 10.95 -11.34
CA THR A 347 12.79 11.48 -10.07
C THR A 347 13.94 11.63 -9.10
N VAL A 348 13.97 12.76 -8.39
CA VAL A 348 14.89 12.98 -7.28
C VAL A 348 14.06 13.20 -6.03
N SER A 349 14.40 12.46 -4.97
CA SER A 349 13.59 12.46 -3.77
C SER A 349 14.47 12.34 -2.54
N THR A 350 13.92 12.76 -1.41
CA THR A 350 14.56 12.63 -0.11
C THR A 350 13.57 11.96 0.84
N LYS A 351 14.05 10.99 1.60
CA LYS A 351 13.22 10.21 2.52
C LYS A 351 13.89 10.20 3.89
N GLN A 352 13.20 10.73 4.89
CA GLN A 352 13.69 10.70 6.25
C GLN A 352 12.56 10.25 7.16
N PHE A 353 12.93 9.63 8.28
CA PHE A 353 11.96 9.06 9.19
C PHE A 353 12.33 9.40 10.63
N GLN A 354 11.33 9.79 11.40
CA GLN A 354 11.47 10.08 12.83
C GLN A 354 10.81 8.93 13.58
N VAL A 355 11.61 8.07 14.18
CA VAL A 355 11.10 6.88 14.85
C VAL A 355 10.67 7.24 16.27
N PHE A 356 9.51 6.73 16.68
CA PHE A 356 8.94 7.08 17.98
C PHE A 356 9.33 6.07 19.07
N SER A 357 9.47 4.81 18.72
CA SER A 357 9.76 3.77 19.71
C SER A 357 11.15 3.96 20.30
N SER A 362 17.65 4.81 15.78
CA SER A 362 18.48 4.90 14.58
C SER A 362 17.68 4.51 13.35
N SER A 363 17.74 5.36 12.32
CA SER A 363 17.02 5.10 11.08
C SER A 363 17.89 5.57 9.92
N TYR A 364 17.75 4.89 8.79
CA TYR A 364 18.47 5.24 7.59
C TYR A 364 17.61 6.14 6.70
N SER A 365 18.28 7.07 6.02
CA SER A 365 17.62 8.02 5.13
C SER A 365 18.35 8.05 3.80
N ALA A 366 17.59 8.21 2.73
CA ALA A 366 18.12 8.39 1.39
C ALA A 366 18.23 9.88 1.11
N GLU A 367 19.46 10.40 1.13
CA GLU A 367 19.70 11.84 1.01
C GLU A 367 20.80 12.11 -0.01
N PRO A 368 20.45 12.18 -1.30
CA PRO A 368 19.14 11.95 -1.89
C PRO A 368 19.06 10.62 -2.64
N GLN A 369 17.94 10.37 -3.31
CA GLN A 369 17.75 9.20 -4.15
C GLN A 369 17.32 9.67 -5.53
N LEU A 370 17.94 9.12 -6.57
CA LEU A 370 17.64 9.46 -7.95
C LEU A 370 17.28 8.18 -8.70
N ASP A 371 16.10 8.17 -9.32
CA ASP A 371 15.62 7.04 -10.10
C ASP A 371 15.36 7.47 -11.53
N VAL A 372 15.78 6.65 -12.49
CA VAL A 372 15.60 6.91 -13.91
C VAL A 372 15.04 5.66 -14.57
N ASN A 373 14.00 5.83 -15.37
CA ASN A 373 13.40 4.74 -16.14
C ASN A 373 13.33 5.15 -17.60
N TYR A 374 13.79 4.27 -18.48
CA TYR A 374 13.68 4.46 -19.92
C TYR A 374 13.05 3.23 -20.55
N TYR A 375 12.18 3.44 -21.53
CA TYR A 375 11.45 2.35 -22.18
C TYR A 375 11.58 2.46 -23.69
N GLN A 376 11.55 1.30 -24.36
CA GLN A 376 11.53 1.25 -25.81
C GLN A 376 10.86 -0.07 -26.20
N ASN A 377 9.71 0.01 -26.86
CA ASN A 377 8.82 -1.14 -26.98
C ASN A 377 8.99 -1.94 -28.26
N ASP A 378 9.41 -1.33 -29.37
CA ASP A 378 9.33 -1.99 -30.67
C ASP A 378 10.72 -2.29 -31.24
N VAL A 379 11.64 -2.76 -30.40
CA VAL A 379 12.94 -3.20 -30.87
C VAL A 379 12.80 -4.61 -31.43
N GLY A 380 12.41 -4.72 -32.69
CA GLY A 380 12.06 -5.98 -33.27
C GLY A 380 10.87 -6.59 -32.57
N PRO A 381 10.97 -7.89 -32.23
CA PRO A 381 9.92 -8.52 -31.44
C PRO A 381 10.08 -8.34 -29.93
N PHE A 382 11.11 -7.62 -29.49
CA PHE A 382 11.44 -7.51 -28.08
C PHE A 382 11.02 -6.16 -27.52
N ASP A 383 10.57 -6.16 -26.27
CA ASP A 383 10.41 -4.95 -25.48
C ASP A 383 11.63 -4.78 -24.60
N THR A 384 12.10 -3.54 -24.47
CA THR A 384 13.31 -3.26 -23.72
C THR A 384 13.07 -2.10 -22.76
N ARG A 385 13.74 -2.15 -21.62
CA ARG A 385 13.68 -1.07 -20.66
C ARG A 385 14.97 -1.05 -19.87
N ILE A 386 15.26 0.10 -19.26
CA ILE A 386 16.43 0.26 -18.42
C ILE A 386 16.05 1.06 -17.19
N TYR A 387 16.48 0.59 -16.03
CA TYR A 387 16.26 1.26 -14.76
C TYR A 387 17.61 1.60 -14.13
N GLY A 388 17.71 2.79 -13.56
CA GLY A 388 18.92 3.23 -12.92
C GLY A 388 18.61 3.94 -11.63
N GLN A 389 19.50 3.79 -10.66
CA GLN A 389 19.30 4.44 -9.37
C GLN A 389 20.63 4.87 -8.81
N ALA A 390 20.61 5.98 -8.07
CA ALA A 390 21.77 6.48 -7.35
C ALA A 390 21.29 7.00 -6.00
N VAL A 391 21.75 6.39 -4.92
CA VAL A 391 21.24 6.71 -3.59
C VAL A 391 22.41 6.92 -2.63
N HIS A 392 22.18 7.79 -1.64
CA HIS A 392 23.12 8.01 -0.55
C HIS A 392 22.40 7.71 0.75
N PHE A 393 22.88 6.70 1.48
CA PHE A 393 22.28 6.24 2.72
C PHE A 393 23.04 6.84 3.89
N VAL A 394 22.32 7.55 4.76
CA VAL A 394 22.89 8.19 5.94
C VAL A 394 22.09 7.75 7.16
N ASN A 395 22.78 7.55 8.28
CA ASN A 395 22.12 7.14 9.52
C ASN A 395 22.08 8.29 10.51
N THR A 396 21.07 8.26 11.39
CA THR A 396 20.97 9.25 12.45
C THR A 396 22.13 9.13 13.43
N ARG A 397 22.52 7.91 13.77
CA ARG A 397 23.68 7.70 14.64
C ARG A 397 24.97 7.96 13.87
N ASP A 398 25.97 8.47 14.59
CA ASP A 398 27.25 8.82 13.98
C ASP A 398 28.19 7.64 13.86
N ASP A 399 27.87 6.49 14.46
CA ASP A 399 28.74 5.32 14.43
C ASP A 399 28.26 4.26 13.44
N MET A 400 27.15 4.50 12.74
CA MET A 400 26.68 3.50 11.82
C MET A 400 27.24 3.75 10.41
N PRO A 401 27.26 2.73 9.57
CA PRO A 401 27.85 2.89 8.23
C PRO A 401 27.03 3.83 7.36
N GLU A 402 27.72 4.56 6.49
CA GLU A 402 27.12 5.36 5.45
C GLU A 402 27.44 4.75 4.10
N ALA A 403 26.54 4.91 3.13
CA ALA A 403 26.72 4.22 1.87
C ALA A 403 26.37 5.13 0.70
N THR A 404 27.00 4.84 -0.44
CA THR A 404 26.59 5.39 -1.74
C THR A 404 26.44 4.22 -2.70
N ARG A 405 25.25 4.08 -3.27
CA ARG A 405 24.94 2.93 -4.12
C ARG A 405 24.50 3.39 -5.50
N VAL A 406 25.04 2.77 -6.53
CA VAL A 406 24.67 3.02 -7.92
C VAL A 406 24.23 1.71 -8.55
N HIS A 407 23.04 1.70 -9.13
CA HIS A 407 22.45 0.47 -9.64
C HIS A 407 21.96 0.67 -11.07
N LEU A 408 22.26 -0.32 -11.92
CA LEU A 408 21.79 -0.38 -13.30
C LEU A 408 21.09 -1.70 -13.53
N GLU A 409 20.02 -1.66 -14.32
CA GLU A 409 19.17 -2.83 -14.54
C GLU A 409 18.56 -2.75 -15.93
N PRO A 410 19.23 -3.28 -16.94
CA PRO A 410 18.61 -3.42 -18.27
C PRO A 410 17.83 -4.72 -18.39
N THR A 411 16.61 -4.61 -18.91
CA THR A 411 15.70 -5.73 -19.06
C THR A 411 15.22 -5.82 -20.50
N ILE A 412 15.16 -7.04 -21.02
CA ILE A 412 14.60 -7.32 -22.33
C ILE A 412 13.59 -8.45 -22.17
N ASN A 413 12.54 -8.42 -22.97
CA ASN A 413 11.52 -9.44 -22.86
C ASN A 413 10.83 -9.66 -24.21
N LEU A 414 10.56 -10.92 -24.50
CA LEU A 414 9.80 -11.32 -25.68
C LEU A 414 8.42 -11.78 -25.23
N PRO A 415 7.36 -11.03 -25.55
CA PRO A 415 6.00 -11.50 -25.26
C PRO A 415 5.35 -12.17 -26.46
N LEU A 416 4.46 -13.12 -26.20
CA LEU A 416 3.71 -13.82 -27.24
C LEU A 416 2.32 -14.11 -26.68
N SER A 417 1.31 -13.97 -27.53
CA SER A 417 -0.07 -14.11 -27.04
C SER A 417 -0.95 -14.75 -28.11
N ASN A 418 -1.99 -15.42 -27.63
CA ASN A 418 -3.08 -15.94 -28.44
C ASN A 418 -4.40 -15.45 -27.86
N ASN A 419 -5.50 -15.99 -28.36
CA ASN A 419 -6.80 -15.75 -27.73
C ASN A 419 -6.91 -16.49 -26.40
N TRP A 420 -6.16 -17.57 -26.24
CA TRP A 420 -6.26 -18.42 -25.06
C TRP A 420 -4.99 -18.49 -24.23
N GLY A 421 -3.82 -18.29 -24.83
CA GLY A 421 -2.57 -18.47 -24.13
C GLY A 421 -1.67 -17.26 -24.24
N SER A 422 -0.70 -17.19 -23.34
CA SER A 422 0.27 -16.10 -23.32
C SER A 422 1.56 -16.61 -22.69
N ILE A 423 2.68 -16.14 -23.22
CA ILE A 423 4.00 -16.53 -22.70
C ILE A 423 4.96 -15.37 -22.85
N ASN A 424 5.64 -15.03 -21.76
CA ASN A 424 6.57 -13.92 -21.72
C ASN A 424 7.93 -14.43 -21.22
N THR A 425 8.97 -14.22 -22.03
CA THR A 425 10.33 -14.55 -21.62
C THR A 425 11.07 -13.25 -21.31
N GLU A 426 11.84 -13.25 -20.23
CA GLU A 426 12.49 -12.03 -19.78
C GLU A 426 13.91 -12.32 -19.30
N ALA A 427 14.85 -11.53 -19.80
CA ALA A 427 16.24 -11.56 -19.34
C ALA A 427 16.59 -10.19 -18.79
N LYS A 428 17.06 -10.17 -17.55
CA LYS A 428 17.35 -8.92 -16.85
C LYS A 428 18.77 -8.98 -16.31
N PHE A 429 19.43 -7.83 -16.25
CA PHE A 429 20.81 -7.75 -15.78
C PHE A 429 20.88 -6.73 -14.66
N LEU A 430 21.49 -7.11 -13.53
CA LEU A 430 21.59 -6.24 -12.36
C LEU A 430 23.05 -6.00 -12.06
N ALA A 431 23.44 -4.72 -12.04
CA ALA A 431 24.80 -4.32 -11.71
C ALA A 431 24.74 -3.24 -10.65
N THR A 432 25.28 -3.52 -9.47
CA THR A 432 25.25 -2.59 -8.36
C THR A 432 26.66 -2.34 -7.85
N HIS A 433 26.93 -1.09 -7.49
CA HIS A 433 28.20 -0.68 -6.92
C HIS A 433 27.93 0.02 -5.59
N TYR A 434 28.62 -0.44 -4.54
CA TYR A 434 28.50 0.11 -3.20
C TYR A 434 29.83 0.72 -2.80
N GLN A 435 29.77 1.94 -2.26
CA GLN A 435 30.90 2.57 -1.58
C GLN A 435 30.47 2.83 -0.15
N GLN A 436 31.08 2.12 0.80
CA GLN A 436 30.68 2.16 2.19
C GLN A 436 31.77 2.81 3.05
N THR A 437 31.35 3.69 3.96
CA THR A 437 32.26 4.37 4.86
C THR A 437 31.70 4.28 6.28
N ASN A 438 32.53 4.67 7.25
CA ASN A 438 32.18 4.64 8.67
C ASN A 438 31.94 3.20 9.14
N LEU A 439 32.83 2.30 8.73
CA LEU A 439 32.68 0.88 9.02
C LEU A 439 33.47 0.42 10.24
N ASP A 440 34.13 1.34 10.95
CA ASP A 440 35.03 0.94 12.04
C ASP A 440 34.24 0.36 13.21
N TRP A 441 33.19 1.06 13.64
CA TRP A 441 32.42 0.61 14.80
C TRP A 441 31.70 -0.71 14.51
N TYR A 442 31.11 -0.84 13.33
CA TYR A 442 30.44 -2.08 12.98
C TYR A 442 31.44 -3.22 12.84
N ASN A 443 32.58 -2.97 12.18
CA ASN A 443 33.55 -4.03 11.95
C ASN A 443 34.23 -4.47 13.24
N SER A 444 34.28 -3.58 14.24
CA SER A 444 34.91 -3.94 15.50
C SER A 444 34.02 -4.81 16.39
N ARG A 445 32.74 -4.99 16.01
CA ARG A 445 31.80 -5.72 16.84
C ARG A 445 31.18 -6.92 16.14
N ASN A 446 31.49 -7.15 14.86
CA ASN A 446 30.88 -8.23 14.09
C ASN A 446 31.97 -9.09 13.47
N THR A 447 31.75 -10.40 13.49
CA THR A 447 32.69 -11.32 12.87
C THR A 447 32.67 -11.22 11.35
N THR A 448 31.52 -10.89 10.78
CA THR A 448 31.41 -10.66 9.34
C THR A 448 31.71 -9.20 9.06
N LYS A 449 32.70 -8.95 8.21
CA LYS A 449 33.20 -7.60 7.98
C LYS A 449 32.55 -6.99 6.74
N LEU A 450 32.12 -5.74 6.88
CA LEU A 450 31.63 -4.99 5.74
C LEU A 450 32.80 -4.53 4.87
N ASP A 451 32.55 -4.44 3.58
CA ASP A 451 33.55 -4.05 2.61
C ASP A 451 33.35 -2.60 2.19
N GLU A 452 34.45 -1.89 1.97
CA GLU A 452 34.35 -0.49 1.58
C GLU A 452 33.83 -0.34 0.16
N SER A 453 34.33 -1.14 -0.76
CA SER A 453 33.91 -1.12 -2.16
C SER A 453 33.37 -2.50 -2.53
N VAL A 454 32.15 -2.54 -3.07
CA VAL A 454 31.50 -3.80 -3.41
C VAL A 454 30.91 -3.68 -4.81
N ASN A 455 31.04 -4.74 -5.60
CA ASN A 455 30.40 -4.84 -6.91
C ASN A 455 29.59 -6.12 -6.96
N ARG A 456 28.29 -5.99 -7.21
CA ARG A 456 27.38 -7.13 -7.30
C ARG A 456 26.79 -7.17 -8.69
N VAL A 457 27.15 -8.19 -9.46
CA VAL A 457 26.70 -8.35 -10.84
C VAL A 457 26.00 -9.69 -10.98
N MET A 458 24.76 -9.67 -11.46
CA MET A 458 24.00 -10.91 -11.57
C MET A 458 22.93 -10.85 -12.64
N PRO A 459 22.77 -11.90 -13.43
CA PRO A 459 21.66 -11.98 -14.37
C PRO A 459 20.44 -12.65 -13.75
N GLN A 460 19.30 -12.42 -14.38
CA GLN A 460 18.03 -13.02 -13.97
C GLN A 460 17.29 -13.48 -15.22
N PHE A 461 16.74 -14.69 -15.16
CA PHE A 461 16.00 -15.27 -16.26
C PHE A 461 14.62 -15.69 -15.78
N LYS A 462 13.58 -15.30 -16.51
CA LYS A 462 12.23 -15.58 -16.08
C LYS A 462 11.38 -15.99 -17.28
N VAL A 463 10.52 -16.99 -17.07
CA VAL A 463 9.56 -17.42 -18.09
C VAL A 463 8.20 -17.51 -17.43
N ASP A 464 7.23 -16.78 -17.97
CA ASP A 464 5.87 -16.77 -17.44
C ASP A 464 4.91 -17.27 -18.51
N GLY A 465 3.94 -18.08 -18.11
CA GLY A 465 2.96 -18.61 -19.03
C GLY A 465 1.58 -18.72 -18.43
N LYS A 466 0.57 -18.32 -19.20
CA LYS A 466 -0.82 -18.37 -18.77
C LYS A 466 -1.66 -19.02 -19.84
N MET A 467 -2.67 -19.79 -19.40
CA MET A 467 -3.65 -20.37 -20.29
C MET A 467 -5.05 -20.06 -19.77
N VAL A 468 -6.02 -20.02 -20.68
CA VAL A 468 -7.41 -19.74 -20.33
C VAL A 468 -8.30 -20.78 -20.97
N PHE A 469 -9.10 -21.46 -20.15
CA PHE A 469 -10.12 -22.40 -20.59
C PHE A 469 -11.48 -21.87 -20.19
N GLU A 470 -12.48 -22.12 -21.01
CA GLU A 470 -13.83 -21.65 -20.75
C GLU A 470 -14.81 -22.82 -20.81
N ARG A 471 -15.89 -22.70 -20.04
CA ARG A 471 -16.96 -23.68 -20.11
C ARG A 471 -18.26 -23.00 -19.68
N ASP A 472 -19.37 -23.62 -20.07
CA ASP A 472 -20.70 -23.09 -19.77
C ASP A 472 -21.27 -23.81 -18.55
N MET A 473 -21.69 -23.03 -17.54
CA MET A 473 -22.25 -23.58 -16.32
C MET A 473 -23.70 -24.01 -16.55
N GLU A 474 -23.85 -25.13 -17.26
CA GLU A 474 -25.17 -25.56 -17.71
C GLU A 474 -26.04 -26.01 -16.55
N MET A 475 -25.47 -26.79 -15.62
CA MET A 475 -26.28 -27.39 -14.56
C MET A 475 -26.68 -26.37 -13.49
N LEU A 476 -25.75 -25.51 -13.07
CA LEU A 476 -26.08 -24.57 -12.01
C LEU A 476 -26.84 -23.37 -12.54
N ALA A 477 -26.21 -22.59 -13.41
CA ALA A 477 -26.84 -21.37 -13.89
C ALA A 477 -26.63 -21.22 -15.40
N PRO A 478 -27.65 -21.53 -16.20
CA PRO A 478 -27.53 -21.35 -17.67
C PRO A 478 -27.25 -19.90 -18.04
N GLY A 479 -26.38 -19.72 -19.02
CA GLY A 479 -25.88 -18.42 -19.39
C GLY A 479 -24.64 -18.00 -18.64
N TYR A 480 -24.29 -18.68 -17.56
CA TYR A 480 -23.10 -18.36 -16.79
C TYR A 480 -21.88 -19.04 -17.38
N THR A 481 -20.74 -18.39 -17.26
CA THR A 481 -19.50 -18.88 -17.83
C THR A 481 -18.47 -19.08 -16.72
N GLN A 482 -17.73 -20.18 -16.79
CA GLN A 482 -16.66 -20.47 -15.85
C GLN A 482 -15.34 -20.55 -16.61
N THR A 483 -14.36 -19.79 -16.14
CA THR A 483 -13.04 -19.75 -16.76
C THR A 483 -12.01 -20.32 -15.78
N LEU A 484 -11.15 -21.18 -16.30
CA LEU A 484 -10.05 -21.77 -15.55
C LEU A 484 -8.74 -21.26 -16.15
N GLU A 485 -7.91 -20.63 -15.33
CA GLU A 485 -6.68 -19.99 -15.81
C GLU A 485 -5.50 -20.57 -15.06
N PRO A 486 -4.77 -21.52 -15.65
CA PRO A 486 -3.51 -21.96 -15.06
C PRO A 486 -2.36 -21.03 -15.45
N ARG A 487 -1.46 -20.82 -14.49
CA ARG A 487 -0.34 -19.91 -14.68
C ARG A 487 0.90 -20.53 -14.06
N ALA A 488 2.02 -20.46 -14.77
CA ALA A 488 3.29 -20.99 -14.30
C ALA A 488 4.39 -19.97 -14.56
N GLN A 489 5.45 -20.05 -13.77
CA GLN A 489 6.57 -19.13 -13.93
C GLN A 489 7.84 -19.74 -13.38
N TYR A 490 8.84 -19.86 -14.23
CA TYR A 490 10.17 -20.31 -13.81
C TYR A 490 11.08 -19.10 -13.63
N LEU A 491 11.78 -19.05 -12.51
CA LEU A 491 12.67 -17.95 -12.18
C LEU A 491 14.04 -18.50 -11.78
N TYR A 492 15.09 -17.94 -12.38
CA TYR A 492 16.46 -18.27 -12.01
C TYR A 492 17.26 -16.99 -11.80
N VAL A 493 17.92 -16.91 -10.64
CA VAL A 493 18.86 -15.85 -10.28
C VAL A 493 20.02 -16.53 -9.55
N PRO A 494 21.25 -16.40 -10.02
CA PRO A 494 22.37 -17.07 -9.37
C PRO A 494 22.67 -16.47 -8.00
N TYR A 495 23.29 -17.28 -7.15
CA TYR A 495 23.58 -16.89 -5.78
C TYR A 495 24.81 -15.99 -5.72
N ARG A 496 24.68 -14.86 -5.03
CA ARG A 496 25.78 -13.94 -4.78
C ARG A 496 25.89 -13.72 -3.28
N ASP A 497 27.09 -13.84 -2.74
CA ASP A 497 27.31 -13.65 -1.31
C ASP A 497 27.27 -12.16 -1.01
N GLN A 498 26.25 -11.73 -0.28
CA GLN A 498 26.02 -10.32 0.01
C GLN A 498 26.19 -9.99 1.49
N SER A 499 26.94 -10.81 2.23
CA SER A 499 27.12 -10.57 3.65
C SER A 499 27.99 -9.36 3.92
N ASP A 500 28.82 -8.94 2.97
CA ASP A 500 29.68 -7.78 3.14
C ASP A 500 28.98 -6.47 2.83
N ILE A 501 27.71 -6.50 2.45
CA ILE A 501 26.91 -5.31 2.21
C ILE A 501 25.92 -5.16 3.35
N TYR A 502 25.90 -3.99 3.97
CA TYR A 502 24.93 -3.72 5.02
C TYR A 502 23.53 -3.60 4.39
N ASN A 503 22.53 -4.04 5.14
CA ASN A 503 21.15 -4.00 4.68
C ASN A 503 20.54 -2.65 5.07
N TYR A 504 20.37 -1.77 4.08
CA TYR A 504 19.86 -0.43 4.32
C TYR A 504 18.35 -0.31 4.06
N ASP A 505 17.87 -0.84 2.94
CA ASP A 505 16.48 -0.63 2.57
C ASP A 505 15.83 -1.88 1.98
N SER A 506 16.26 -3.06 2.41
CA SER A 506 15.69 -4.31 1.93
C SER A 506 14.94 -5.00 3.06
N SER A 507 13.66 -5.26 2.84
CA SER A 507 12.82 -5.96 3.79
C SER A 507 12.10 -7.10 3.08
N LEU A 508 11.81 -8.15 3.83
CA LEU A 508 11.10 -9.29 3.28
C LEU A 508 9.67 -8.91 2.90
N LEU A 509 9.25 -9.33 1.72
CA LEU A 509 7.95 -8.97 1.18
C LEU A 509 6.93 -10.06 1.50
N GLN A 510 5.70 -9.64 1.80
CA GLN A 510 4.61 -10.58 2.00
C GLN A 510 4.30 -11.30 0.70
N SER A 511 3.94 -12.58 0.82
CA SER A 511 3.69 -13.42 -0.34
C SER A 511 2.23 -13.85 -0.34
N ASP A 512 1.37 -13.00 -0.90
CA ASP A 512 -0.01 -13.37 -1.19
C ASP A 512 -0.03 -14.14 -2.52
N TYR A 513 -1.22 -14.34 -3.08
CA TYR A 513 -1.30 -15.06 -4.35
C TYR A 513 -0.63 -14.28 -5.48
N SER A 514 -0.87 -12.96 -5.53
CA SER A 514 -0.22 -12.14 -6.54
C SER A 514 1.28 -12.05 -6.28
N GLY A 515 1.68 -12.09 -5.01
CA GLY A 515 3.09 -12.03 -4.67
C GLY A 515 3.85 -13.30 -4.94
N LEU A 516 3.14 -14.40 -5.23
CA LEU A 516 3.82 -15.65 -5.57
C LEU A 516 4.61 -15.53 -6.86
N PHE A 517 4.10 -14.75 -7.82
CA PHE A 517 4.73 -14.58 -9.11
C PHE A 517 5.69 -13.40 -9.14
N ARG A 518 5.89 -12.73 -8.01
CA ARG A 518 6.88 -11.68 -7.93
C ARG A 518 8.28 -12.24 -8.11
N ASP A 519 9.15 -11.45 -8.74
CA ASP A 519 10.52 -11.87 -9.01
C ASP A 519 11.51 -11.45 -7.93
N ARG A 520 11.04 -10.82 -6.85
CA ARG A 520 11.89 -10.35 -5.78
C ARG A 520 11.40 -10.87 -4.44
N THR A 521 12.34 -11.28 -3.60
CA THR A 521 12.02 -11.68 -2.24
C THR A 521 12.08 -10.51 -1.26
N TYR A 522 12.95 -9.54 -1.51
CA TYR A 522 13.10 -8.37 -0.66
C TYR A 522 12.84 -7.12 -1.49
N GLY A 523 12.43 -6.06 -0.80
CA GLY A 523 12.38 -4.75 -1.40
C GLY A 523 13.75 -4.12 -1.48
N GLY A 524 13.83 -2.99 -2.18
CA GLY A 524 15.11 -2.33 -2.30
C GLY A 524 16.09 -3.12 -3.15
N LEU A 525 17.38 -2.89 -2.88
CA LEU A 525 18.43 -3.53 -3.65
C LEU A 525 19.59 -4.03 -2.80
N ASP A 526 19.52 -3.97 -1.47
CA ASP A 526 20.63 -4.41 -0.65
C ASP A 526 20.71 -5.93 -0.57
N ARG A 527 19.56 -6.61 -0.62
CA ARG A 527 19.51 -8.06 -0.57
C ARG A 527 18.74 -8.55 -1.78
N ILE A 528 19.36 -9.42 -2.58
CA ILE A 528 18.72 -10.06 -3.72
C ILE A 528 18.91 -11.56 -3.56
N ALA A 529 17.87 -12.26 -3.15
CA ALA A 529 17.96 -13.68 -2.90
C ALA A 529 18.14 -14.45 -4.19
N SER A 530 18.99 -15.47 -4.15
CA SER A 530 19.12 -16.38 -5.27
C SER A 530 17.83 -17.15 -5.46
N ALA A 531 17.50 -17.46 -6.72
CA ALA A 531 16.25 -18.13 -7.03
C ALA A 531 16.49 -19.26 -8.01
N ASN A 532 15.91 -20.41 -7.75
CA ASN A 532 15.78 -21.48 -8.73
C ASN A 532 14.42 -22.11 -8.42
N GLN A 533 13.37 -21.58 -9.03
CA GLN A 533 12.05 -21.90 -8.52
C GLN A 533 11.02 -21.88 -9.65
N VAL A 534 9.91 -22.57 -9.40
CA VAL A 534 8.75 -22.55 -10.29
C VAL A 534 7.51 -22.25 -9.45
N THR A 535 6.77 -21.23 -9.84
CA THR A 535 5.52 -20.87 -9.19
C THR A 535 4.37 -21.35 -10.08
N THR A 536 3.44 -22.09 -9.49
CA THR A 536 2.29 -22.60 -10.22
C THR A 536 1.02 -22.21 -9.48
N GLY A 537 0.08 -21.61 -10.21
CA GLY A 537 -1.18 -21.22 -9.62
C GLY A 537 -2.31 -21.44 -10.61
N VAL A 538 -3.53 -21.42 -10.08
CA VAL A 538 -4.73 -21.54 -10.88
C VAL A 538 -5.80 -20.60 -10.34
N THR A 539 -6.48 -19.91 -11.24
CA THR A 539 -7.57 -19.01 -10.89
C THR A 539 -8.84 -19.42 -11.62
N SER A 540 -9.93 -19.58 -10.89
CA SER A 540 -11.22 -19.90 -11.47
C SER A 540 -12.15 -18.70 -11.28
N ARG A 541 -12.74 -18.25 -12.37
CA ARG A 541 -13.67 -17.13 -12.36
C ARG A 541 -15.04 -17.59 -12.85
N ILE A 542 -16.08 -16.98 -12.30
CA ILE A 542 -17.46 -17.23 -12.70
C ILE A 542 -18.10 -15.90 -13.05
N TYR A 543 -18.53 -15.77 -14.31
CA TYR A 543 -19.24 -14.63 -14.86
C TYR A 543 -20.70 -14.98 -15.08
N ASP A 544 -21.57 -13.99 -14.92
CA ASP A 544 -23.00 -14.19 -15.13
C ASP A 544 -23.33 -14.07 -16.62
N ASP A 545 -24.63 -14.03 -16.94
CA ASP A 545 -25.06 -13.92 -18.33
C ASP A 545 -24.73 -12.56 -18.94
N ALA A 546 -24.54 -11.54 -18.12
CA ALA A 546 -24.20 -10.20 -18.59
C ALA A 546 -22.69 -9.98 -18.69
N ALA A 547 -21.90 -11.06 -18.61
CA ALA A 547 -20.44 -11.00 -18.67
C ALA A 547 -19.84 -10.26 -17.49
N VAL A 548 -20.52 -10.22 -16.36
CA VAL A 548 -20.04 -9.58 -15.15
C VAL A 548 -19.47 -10.65 -14.23
N GLU A 549 -18.26 -10.44 -13.74
CA GLU A 549 -17.59 -11.43 -12.90
C GLU A 549 -18.20 -11.40 -11.50
N ARG A 550 -18.82 -12.52 -11.11
CA ARG A 550 -19.39 -12.65 -9.77
C ARG A 550 -18.48 -13.38 -8.80
N PHE A 551 -17.64 -14.29 -9.27
CA PHE A 551 -16.85 -15.10 -8.35
C PHE A 551 -15.44 -15.26 -8.90
N ASN A 552 -14.45 -15.26 -8.00
CA ASN A 552 -13.10 -15.63 -8.38
C ASN A 552 -12.40 -16.29 -7.19
N ILE A 553 -11.61 -17.31 -7.48
CA ILE A 553 -10.85 -18.03 -6.46
C ILE A 553 -9.51 -18.44 -7.05
N SER A 554 -8.43 -18.11 -6.34
CA SER A 554 -7.08 -18.39 -6.82
C SER A 554 -6.32 -19.18 -5.77
N VAL A 555 -5.56 -20.18 -6.21
CA VAL A 555 -4.70 -20.95 -5.32
C VAL A 555 -3.38 -21.21 -6.03
N GLY A 556 -2.27 -21.00 -5.33
CA GLY A 556 -0.97 -21.19 -5.94
C GLY A 556 0.09 -21.57 -4.93
N GLN A 557 1.23 -21.98 -5.45
CA GLN A 557 2.35 -22.40 -4.61
C GLN A 557 3.66 -22.12 -5.34
N ILE A 558 4.74 -22.13 -4.57
CA ILE A 558 6.10 -21.96 -5.10
C ILE A 558 6.91 -23.20 -4.73
N TYR A 559 7.57 -23.79 -5.72
CA TYR A 559 8.44 -24.94 -5.54
C TYR A 559 9.88 -24.49 -5.76
N TYR A 560 10.74 -24.75 -4.78
CA TYR A 560 12.14 -24.35 -4.82
C TYR A 560 13.00 -25.56 -5.17
N PHE A 561 13.77 -25.44 -6.25
CA PHE A 561 14.72 -26.50 -6.59
C PHE A 561 16.00 -26.38 -5.79
N THR A 562 16.35 -25.17 -5.36
CA THR A 562 17.48 -24.93 -4.49
C THR A 562 17.09 -23.89 -3.46
N GLU A 563 17.87 -23.82 -2.38
CA GLU A 563 17.60 -22.86 -1.32
C GLU A 563 17.83 -21.43 -1.81
N SER A 564 16.96 -20.52 -1.38
CA SER A 564 17.11 -19.11 -1.68
C SER A 564 18.05 -18.49 -0.65
N ARG A 565 19.15 -17.90 -1.13
CA ARG A 565 20.20 -17.40 -0.26
C ARG A 565 20.58 -15.98 -0.64
N THR A 566 21.03 -15.22 0.35
CA THR A 566 21.59 -13.89 0.15
C THR A 566 22.97 -13.74 0.75
N GLY A 567 23.50 -14.78 1.38
CA GLY A 567 24.74 -14.72 2.11
C GLY A 567 24.58 -14.35 3.57
N ASP A 568 23.51 -13.64 3.90
CA ASP A 568 23.20 -13.24 5.28
C ASP A 568 21.77 -13.74 5.46
N ASP A 569 21.63 -14.91 6.07
CA ASP A 569 20.33 -15.55 6.29
C ASP A 569 20.14 -15.68 7.81
N ASN A 570 19.57 -14.64 8.40
CA ASN A 570 19.38 -14.58 9.85
C ASN A 570 17.93 -14.78 10.27
N ILE A 571 17.00 -14.94 9.31
CA ILE A 571 15.59 -15.07 9.66
C ILE A 571 15.35 -16.41 10.32
N THR A 572 14.60 -16.38 11.42
CA THR A 572 14.40 -17.56 12.27
C THR A 572 13.16 -18.32 11.78
N TRP A 573 13.40 -19.40 11.06
CA TRP A 573 12.32 -20.31 10.70
C TRP A 573 12.10 -21.34 11.80
N GLU A 574 10.96 -22.01 11.73
CA GLU A 574 10.62 -23.05 12.70
C GLU A 574 11.19 -24.41 12.33
N ASN A 575 11.71 -24.57 11.11
CA ASN A 575 12.28 -25.83 10.68
C ASN A 575 13.27 -25.56 9.55
N ASP A 576 14.07 -26.57 9.23
CA ASP A 576 15.17 -26.43 8.27
C ASP A 576 14.78 -26.81 6.85
N ASP A 577 13.52 -26.63 6.48
CA ASP A 577 13.11 -26.90 5.09
C ASP A 577 13.76 -25.88 4.16
N LYS A 578 14.31 -26.37 3.05
CA LYS A 578 15.07 -25.52 2.15
C LYS A 578 14.54 -25.61 0.72
N THR A 579 14.06 -26.78 0.33
CA THR A 579 13.60 -27.02 -1.03
C THR A 579 12.23 -27.69 -1.00
N GLY A 580 11.55 -27.64 -2.14
CA GLY A 580 10.23 -28.20 -2.26
C GLY A 580 9.15 -27.12 -2.25
N SER A 581 7.92 -27.57 -2.05
CA SER A 581 6.77 -26.66 -1.96
C SER A 581 6.73 -26.07 -0.57
N LEU A 582 7.27 -24.86 -0.43
CA LEU A 582 7.38 -24.22 0.87
C LEU A 582 6.36 -23.11 1.08
N VAL A 583 5.89 -22.46 0.01
CA VAL A 583 5.01 -21.32 0.11
C VAL A 583 3.72 -21.63 -0.64
N TRP A 584 2.58 -21.45 0.03
CA TRP A 584 1.27 -21.60 -0.57
C TRP A 584 0.46 -20.35 -0.29
N ALA A 585 -0.37 -19.96 -1.25
CA ALA A 585 -1.21 -18.79 -1.10
C ALA A 585 -2.57 -19.04 -1.74
N GLY A 586 -3.58 -18.39 -1.19
CA GLY A 586 -4.93 -18.52 -1.73
C GLY A 586 -5.70 -17.24 -1.50
N ASP A 587 -6.62 -16.96 -2.42
CA ASP A 587 -7.45 -15.77 -2.36
C ASP A 587 -8.82 -16.10 -2.93
N THR A 588 -9.83 -15.35 -2.49
CA THR A 588 -11.18 -15.56 -2.97
C THR A 588 -11.98 -14.27 -2.83
N TYR A 589 -12.82 -14.01 -3.84
CA TYR A 589 -13.76 -12.90 -3.84
C TYR A 589 -15.09 -13.41 -4.38
N TRP A 590 -16.17 -13.08 -3.69
CA TRP A 590 -17.51 -13.50 -4.09
C TRP A 590 -18.46 -12.33 -3.90
N ARG A 591 -19.01 -11.82 -5.00
CA ARG A 591 -20.09 -10.85 -4.93
C ARG A 591 -21.39 -11.64 -4.94
N ILE A 592 -21.89 -11.95 -3.73
CA ILE A 592 -23.04 -12.83 -3.57
C ILE A 592 -24.28 -12.19 -4.18
N SER A 593 -24.46 -10.90 -3.96
CA SER A 593 -25.55 -10.14 -4.56
C SER A 593 -25.08 -8.70 -4.74
N GLU A 594 -26.02 -7.80 -5.00
CA GLU A 594 -25.66 -6.39 -5.14
C GLU A 594 -25.32 -5.76 -3.80
N ARG A 595 -25.76 -6.38 -2.70
CA ARG A 595 -25.53 -5.84 -1.36
C ARG A 595 -24.59 -6.70 -0.52
N TRP A 596 -24.36 -7.95 -0.90
CA TRP A 596 -23.55 -8.88 -0.12
C TRP A 596 -22.24 -9.16 -0.84
N GLY A 597 -21.16 -9.25 -0.07
CA GLY A 597 -19.87 -9.59 -0.63
C GLY A 597 -18.99 -10.21 0.41
N LEU A 598 -18.08 -11.08 -0.03
CA LEU A 598 -17.13 -11.70 0.88
C LEU A 598 -15.77 -11.83 0.21
N ARG A 599 -14.74 -11.42 0.94
CA ARG A 599 -13.36 -11.53 0.49
C ARG A 599 -12.58 -12.36 1.50
N GLY A 600 -11.53 -13.01 1.02
CA GLY A 600 -10.69 -13.80 1.90
C GLY A 600 -9.35 -14.10 1.27
N GLY A 601 -8.37 -14.33 2.13
CA GLY A 601 -7.04 -14.68 1.68
C GLY A 601 -6.29 -15.40 2.78
N ILE A 602 -5.39 -16.29 2.37
CA ILE A 602 -4.56 -17.05 3.28
C ILE A 602 -3.17 -17.24 2.70
N GLN A 603 -2.17 -17.21 3.58
CA GLN A 603 -0.78 -17.43 3.23
C GLN A 603 -0.19 -18.45 4.20
N TYR A 604 0.30 -19.56 3.67
CA TYR A 604 0.85 -20.65 4.46
C TYR A 604 2.31 -20.87 4.06
N ASP A 605 3.16 -21.09 5.06
CA ASP A 605 4.57 -21.37 4.84
C ASP A 605 4.95 -22.62 5.63
N THR A 606 5.59 -23.57 4.96
CA THR A 606 5.99 -24.80 5.63
C THR A 606 7.18 -24.57 6.55
N ARG A 607 8.01 -23.58 6.26
CA ARG A 607 9.14 -23.27 7.12
C ARG A 607 8.71 -22.76 8.48
N LEU A 608 7.61 -22.02 8.56
CA LEU A 608 6.98 -21.70 9.82
C LEU A 608 6.32 -22.90 10.48
N ASP A 609 5.84 -23.85 9.67
CA ASP A 609 5.06 -24.99 10.14
C ASP A 609 3.81 -24.42 10.86
N ASN A 610 3.05 -23.65 10.09
CA ASN A 610 1.86 -22.93 10.54
C ASN A 610 1.34 -22.14 9.34
N VAL A 611 0.09 -21.71 9.43
CA VAL A 611 -0.42 -20.71 8.50
C VAL A 611 0.22 -19.37 8.84
N ALA A 612 0.86 -18.76 7.85
CA ALA A 612 1.55 -17.49 8.08
C ALA A 612 0.55 -16.39 8.42
N THR A 613 -0.34 -16.06 7.48
CA THR A 613 -1.31 -15.00 7.71
C THR A 613 -2.64 -15.38 7.07
N SER A 614 -3.69 -14.69 7.49
CA SER A 614 -5.00 -14.87 6.88
C SER A 614 -5.87 -13.66 7.17
N ASN A 615 -6.84 -13.45 6.29
CA ASN A 615 -7.80 -12.37 6.48
C ASN A 615 -9.10 -12.76 5.80
N SER A 616 -10.20 -12.24 6.34
CA SER A 616 -11.52 -12.52 5.78
C SER A 616 -12.44 -11.36 6.08
N SER A 617 -13.47 -11.20 5.26
CA SER A 617 -14.44 -10.14 5.47
C SER A 617 -15.74 -10.47 4.76
N ILE A 618 -16.85 -10.22 5.43
CA ILE A 618 -18.19 -10.36 4.86
C ILE A 618 -18.94 -9.06 5.13
N GLU A 619 -19.47 -8.45 4.07
CA GLU A 619 -20.11 -7.14 4.17
C GLU A 619 -21.47 -7.15 3.48
N TYR A 620 -22.46 -6.59 4.16
CA TYR A 620 -23.74 -6.21 3.57
C TYR A 620 -23.78 -4.69 3.51
N ARG A 621 -24.21 -4.14 2.38
CA ARG A 621 -24.24 -2.69 2.22
C ARG A 621 -25.39 -2.32 1.29
N ARG A 622 -26.48 -1.83 1.86
CA ARG A 622 -27.60 -1.41 1.03
C ARG A 622 -27.34 -0.06 0.38
N ASP A 623 -26.65 0.84 1.08
CA ASP A 623 -26.32 2.16 0.57
C ASP A 623 -25.23 2.74 1.47
N GLU A 624 -24.95 4.03 1.30
CA GLU A 624 -23.90 4.68 2.09
C GLU A 624 -24.23 4.77 3.57
N ASP A 625 -25.52 4.67 3.94
CA ASP A 625 -25.93 4.80 5.33
C ASP A 625 -26.26 3.48 6.01
N ARG A 626 -26.67 2.47 5.26
CA ARG A 626 -27.08 1.18 5.83
C ARG A 626 -26.03 0.13 5.46
N LEU A 627 -25.25 -0.30 6.46
CA LEU A 627 -24.22 -1.29 6.18
C LEU A 627 -23.86 -2.04 7.45
N VAL A 628 -23.41 -3.28 7.26
CA VAL A 628 -22.85 -4.13 8.30
C VAL A 628 -21.63 -4.83 7.73
N GLN A 629 -20.60 -5.01 8.54
CA GLN A 629 -19.38 -5.67 8.08
C GLN A 629 -18.75 -6.45 9.22
N LEU A 630 -18.31 -7.66 8.92
CA LEU A 630 -17.54 -8.48 9.85
C LEU A 630 -16.20 -8.81 9.20
N ASN A 631 -15.12 -8.63 9.95
CA ASN A 631 -13.80 -8.89 9.40
C ASN A 631 -12.95 -9.64 10.42
N TYR A 632 -11.98 -10.40 9.91
CA TYR A 632 -11.07 -11.15 10.75
C TYR A 632 -9.66 -11.04 10.18
N HIS A 633 -8.69 -10.78 11.05
CA HIS A 633 -7.28 -10.75 10.68
C HIS A 633 -6.51 -11.69 11.59
N TYR A 634 -5.59 -12.45 11.00
CA TYR A 634 -4.76 -13.37 11.76
C TYR A 634 -3.34 -13.32 11.24
N ALA A 635 -2.39 -13.22 12.17
CA ALA A 635 -0.97 -13.39 11.90
C ALA A 635 -0.40 -14.25 13.02
N SER A 636 0.28 -15.33 12.65
CA SER A 636 0.74 -16.30 13.63
C SER A 636 1.95 -15.76 14.40
N PRO A 637 2.18 -16.28 15.61
CA PRO A 637 3.40 -15.92 16.34
C PRO A 637 4.68 -16.30 15.61
N GLU A 638 4.66 -17.40 14.85
CA GLU A 638 5.84 -17.81 14.10
C GLU A 638 6.19 -16.79 13.03
N TYR A 639 5.17 -16.25 12.34
CA TYR A 639 5.41 -15.21 11.34
C TYR A 639 5.99 -13.95 11.98
N ILE A 640 5.48 -13.58 13.16
CA ILE A 640 6.00 -12.42 13.87
C ILE A 640 7.46 -12.64 14.26
N GLN A 641 7.78 -13.84 14.72
CA GLN A 641 9.16 -14.13 15.09
C GLN A 641 10.08 -14.14 13.88
N ALA A 642 9.59 -14.63 12.75
CA ALA A 642 10.44 -14.75 11.57
C ALA A 642 10.68 -13.39 10.90
N THR A 643 9.64 -12.58 10.77
CA THR A 643 9.72 -11.39 9.91
C THR A 643 9.90 -10.09 10.68
N LEU A 644 10.12 -10.15 11.99
CA LEU A 644 10.19 -8.96 12.83
C LEU A 644 11.40 -9.06 13.74
N PRO A 645 11.76 -7.95 14.41
CA PRO A 645 12.92 -7.97 15.30
C PRO A 645 12.74 -8.93 16.48
N LYS A 646 13.86 -9.23 17.14
CA LYS A 646 13.86 -10.25 18.19
C LYS A 646 13.03 -9.82 19.40
N TYR A 647 13.10 -8.54 19.76
CA TYR A 647 12.34 -8.07 20.91
C TYR A 647 10.84 -8.06 20.64
N TYR A 648 10.43 -8.04 19.36
CA TYR A 648 9.04 -8.33 19.04
C TYR A 648 8.65 -9.74 19.47
N SER A 649 9.53 -10.71 19.20
CA SER A 649 9.24 -12.09 19.59
C SER A 649 9.33 -12.28 21.09
N THR A 650 10.11 -11.45 21.78
CA THR A 650 10.24 -11.59 23.23
C THR A 650 9.29 -10.71 24.03
N ALA A 651 8.65 -9.72 23.41
CA ALA A 651 7.80 -8.79 24.13
C ALA A 651 6.38 -9.31 24.26
N GLU A 652 5.73 -8.94 25.36
CA GLU A 652 4.36 -9.40 25.61
C GLU A 652 3.39 -8.83 24.60
N GLN A 653 3.55 -7.56 24.23
CA GLN A 653 2.59 -6.91 23.34
C GLN A 653 2.78 -7.28 21.88
N TYR A 654 3.84 -8.01 21.54
CA TYR A 654 4.11 -8.37 20.16
C TYR A 654 4.14 -9.86 19.89
N LYS A 655 4.52 -10.68 20.87
CA LYS A 655 4.92 -12.05 20.58
C LYS A 655 3.74 -12.94 20.22
N ASN A 656 2.53 -12.59 20.67
CA ASN A 656 1.38 -13.46 20.46
C ASN A 656 0.77 -13.34 19.07
N GLY A 657 1.26 -12.43 18.24
CA GLY A 657 0.71 -12.27 16.92
C GLY A 657 -0.59 -11.47 16.92
N ILE A 658 -1.36 -11.66 15.87
CA ILE A 658 -2.61 -10.94 15.66
C ILE A 658 -3.74 -11.95 15.51
N SER A 659 -4.80 -11.76 16.28
CA SER A 659 -6.05 -12.51 16.10
C SER A 659 -7.17 -11.54 16.43
N GLN A 660 -7.66 -10.84 15.42
CA GLN A 660 -8.53 -9.68 15.62
C GLN A 660 -9.84 -9.85 14.86
N VAL A 661 -10.95 -9.67 15.57
CA VAL A 661 -12.29 -9.74 15.00
C VAL A 661 -12.91 -8.36 15.09
N GLY A 662 -13.38 -7.84 13.98
CA GLY A 662 -13.98 -6.52 13.92
C GLY A 662 -15.40 -6.57 13.39
N ALA A 663 -16.26 -5.74 13.96
CA ALA A 663 -17.64 -5.60 13.52
C ALA A 663 -17.96 -4.12 13.38
N VAL A 664 -18.54 -3.75 12.24
CA VAL A 664 -18.92 -2.37 11.96
C VAL A 664 -20.38 -2.35 11.52
N ALA A 665 -21.12 -1.33 11.94
CA ALA A 665 -22.51 -1.22 11.57
C ALA A 665 -22.89 0.25 11.45
N SER A 666 -23.86 0.54 10.60
CA SER A 666 -24.35 1.89 10.40
C SER A 666 -25.79 1.82 9.91
N ARG A 667 -26.67 2.60 10.56
CA ARG A 667 -28.10 2.57 10.31
C ARG A 667 -28.72 3.97 10.41
N PRO A 668 -29.45 4.40 9.39
CA PRO A 668 -30.23 5.64 9.51
C PRO A 668 -31.56 5.40 10.19
N ILE A 669 -32.06 6.45 10.84
CA ILE A 669 -33.39 6.47 11.45
C ILE A 669 -34.08 7.76 11.06
N ALA A 670 -35.27 7.64 10.48
CA ALA A 670 -36.18 8.75 10.19
C ALA A 670 -35.65 9.73 9.14
N ASP A 671 -34.57 9.38 8.44
CA ASP A 671 -33.98 10.15 7.34
C ASP A 671 -33.31 11.41 7.88
N ARG A 672 -33.12 11.49 9.20
CA ARG A 672 -32.43 12.60 9.83
C ARG A 672 -31.44 12.18 10.89
N TRP A 673 -31.50 10.93 11.36
CA TRP A 673 -30.58 10.42 12.35
C TRP A 673 -29.70 9.35 11.73
N SER A 674 -28.45 9.29 12.15
CA SER A 674 -27.52 8.26 11.71
C SER A 674 -26.78 7.71 12.91
N ILE A 675 -26.77 6.39 13.07
CA ILE A 675 -26.09 5.73 14.17
C ILE A 675 -25.03 4.80 13.60
N VAL A 676 -23.81 4.92 14.13
CA VAL A 676 -22.66 4.16 13.64
C VAL A 676 -21.95 3.53 14.83
N GLY A 677 -21.56 2.28 14.67
CA GLY A 677 -20.86 1.58 15.74
C GLY A 677 -19.77 0.69 15.18
N ALA A 678 -18.73 0.49 15.99
CA ALA A 678 -17.61 -0.37 15.60
C ALA A 678 -17.02 -1.00 16.85
N TYR A 679 -16.59 -2.25 16.72
CA TYR A 679 -16.01 -2.98 17.84
C TYR A 679 -14.95 -3.93 17.30
N TYR A 680 -13.70 -3.72 17.71
CA TYR A 680 -12.58 -4.55 17.30
C TYR A 680 -11.97 -5.18 18.55
N TYR A 681 -11.89 -6.51 18.55
CA TYR A 681 -11.64 -7.32 19.72
C TYR A 681 -10.51 -8.31 19.41
N ASP A 682 -9.65 -8.55 20.40
CA ASP A 682 -8.51 -9.44 20.26
C ASP A 682 -8.82 -10.77 20.94
N THR A 683 -8.81 -11.85 20.16
CA THR A 683 -9.17 -13.16 20.70
C THR A 683 -8.03 -13.81 21.46
N ASN A 684 -6.78 -13.43 21.17
CA ASN A 684 -5.65 -13.99 21.90
C ASN A 684 -5.67 -13.55 23.35
N ALA A 685 -5.78 -12.25 23.58
CA ALA A 685 -5.83 -11.71 24.94
C ALA A 685 -7.24 -11.63 25.50
N ASN A 686 -8.27 -11.80 24.66
CA ASN A 686 -9.66 -11.65 25.06
C ASN A 686 -9.93 -10.25 25.59
N LYS A 687 -9.29 -9.26 24.96
CA LYS A 687 -9.40 -7.87 25.37
C LYS A 687 -9.83 -7.01 24.19
N GLN A 688 -10.55 -5.94 24.51
CA GLN A 688 -10.93 -4.96 23.49
C GLN A 688 -9.70 -4.25 22.94
N ALA A 689 -9.69 -4.05 21.63
CA ALA A 689 -8.69 -3.21 20.99
C ALA A 689 -9.23 -1.82 20.65
N ASP A 690 -10.44 -1.76 20.12
CA ASP A 690 -11.03 -0.50 19.72
C ASP A 690 -12.55 -0.61 19.81
N SER A 691 -13.20 0.51 20.12
CA SER A 691 -14.66 0.55 20.17
C SER A 691 -15.09 1.98 19.92
N MET A 692 -16.16 2.13 19.15
CA MET A 692 -16.59 3.45 18.72
C MET A 692 -18.10 3.48 18.57
N LEU A 693 -18.70 4.58 19.01
CA LEU A 693 -20.11 4.87 18.79
C LEU A 693 -20.23 6.30 18.26
N GLY A 694 -21.21 6.54 17.43
CA GLY A 694 -21.42 7.88 16.92
C GLY A 694 -22.83 8.11 16.42
N VAL A 695 -23.47 9.17 16.89
CA VAL A 695 -24.83 9.49 16.46
C VAL A 695 -24.86 10.92 15.96
N GLN A 696 -25.40 11.11 14.75
CA GLN A 696 -25.51 12.42 14.14
C GLN A 696 -26.95 12.72 13.76
N TYR A 697 -27.38 13.94 14.06
CA TYR A 697 -28.68 14.45 13.64
C TYR A 697 -28.44 15.55 12.63
N SER A 698 -28.98 15.38 11.43
CA SER A 698 -28.74 16.30 10.32
C SER A 698 -30.04 17.02 9.99
N SER A 699 -29.96 18.34 9.86
CA SER A 699 -31.09 19.17 9.48
C SER A 699 -30.77 19.91 8.17
N CYS A 700 -31.68 20.77 7.77
CA CYS A 700 -31.49 21.53 6.53
C CYS A 700 -30.35 22.52 6.66
N CYS A 701 -30.22 23.18 7.80
CA CYS A 701 -29.25 24.25 7.99
C CYS A 701 -28.07 23.87 8.87
N TYR A 702 -28.15 22.76 9.60
CA TYR A 702 -27.07 22.40 10.51
C TYR A 702 -27.10 20.91 10.80
N ALA A 703 -25.99 20.42 11.35
CA ALA A 703 -25.86 19.03 11.76
C ALA A 703 -25.10 18.98 13.07
N ILE A 704 -25.50 18.05 13.95
CA ILE A 704 -24.87 17.87 15.25
C ILE A 704 -24.52 16.40 15.41
N ARG A 705 -23.23 16.11 15.60
CA ARG A 705 -22.78 14.73 15.81
C ARG A 705 -22.07 14.62 17.15
N VAL A 706 -22.35 13.53 17.86
CA VAL A 706 -21.66 13.21 19.10
C VAL A 706 -21.04 11.83 18.96
N GLY A 707 -19.76 11.73 19.31
CA GLY A 707 -19.03 10.49 19.15
C GLY A 707 -18.29 10.10 20.40
N TYR A 708 -18.11 8.79 20.56
CA TYR A 708 -17.39 8.19 21.68
C TYR A 708 -16.44 7.14 21.13
N GLU A 709 -15.22 7.10 21.67
CA GLU A 709 -14.27 6.08 21.27
C GLU A 709 -13.41 5.67 22.46
N ARG A 710 -13.22 4.36 22.58
CA ARG A 710 -12.24 3.78 23.49
C ARG A 710 -11.24 2.99 22.66
N LYS A 711 -9.95 3.29 22.84
CA LYS A 711 -8.94 2.68 21.99
C LYS A 711 -7.72 2.30 22.82
N LEU A 712 -6.97 1.31 22.32
CA LEU A 712 -5.63 1.10 22.82
C LEU A 712 -4.77 2.32 22.52
N ASN A 713 -4.02 2.79 23.52
CA ASN A 713 -3.25 4.01 23.39
C ASN A 713 -1.81 3.90 23.86
N GLY A 714 -1.35 2.70 24.19
CA GLY A 714 0.02 2.54 24.61
C GLY A 714 0.18 1.31 25.49
N TRP A 715 1.39 1.14 26.00
CA TRP A 715 1.74 0.02 26.85
C TRP A 715 2.41 0.53 28.12
N ASP A 716 2.06 -0.06 29.24
CA ASP A 716 2.65 0.30 30.53
C ASP A 716 3.72 -0.73 30.86
N ASN A 717 4.98 -0.29 30.89
CA ASN A 717 6.08 -1.22 31.14
C ASN A 717 6.14 -1.65 32.60
N ASP A 718 5.53 -0.87 33.51
CA ASP A 718 5.64 -1.18 34.93
C ASP A 718 4.79 -2.39 35.30
N LYS A 719 3.48 -2.29 35.15
CA LYS A 719 2.58 -3.39 35.46
C LYS A 719 2.29 -4.28 34.25
N GLN A 720 2.84 -3.96 33.09
CA GLN A 720 2.83 -4.85 31.92
C GLN A 720 1.42 -5.08 31.40
N HIS A 721 0.70 -3.99 31.15
CA HIS A 721 -0.63 -4.03 30.57
C HIS A 721 -0.81 -2.87 29.61
N ALA A 722 -1.80 -3.00 28.74
CA ALA A 722 -2.12 -1.97 27.76
C ALA A 722 -2.83 -0.80 28.42
N VAL A 723 -2.65 0.38 27.84
CA VAL A 723 -3.31 1.60 28.29
C VAL A 723 -4.47 1.88 27.35
N TYR A 724 -5.58 2.36 27.91
CA TYR A 724 -6.77 2.67 27.14
C TYR A 724 -7.10 4.15 27.23
N ASP A 725 -7.62 4.70 26.14
CA ASP A 725 -8.02 6.10 26.07
C ASP A 725 -9.49 6.18 25.68
N ASN A 726 -10.24 6.98 26.43
CA ASN A 726 -11.65 7.24 26.16
C ASN A 726 -11.84 8.70 25.79
N ALA A 727 -12.62 8.94 24.74
CA ALA A 727 -12.88 10.29 24.26
C ALA A 727 -14.32 10.40 23.81
N ILE A 728 -15.03 11.37 24.38
CA ILE A 728 -16.43 11.66 23.99
C ILE A 728 -16.48 13.15 23.59
N GLY A 729 -16.92 13.44 22.37
CA GLY A 729 -16.92 14.84 21.91
C GLY A 729 -18.14 15.17 21.06
N PHE A 730 -18.56 16.44 21.07
CA PHE A 730 -19.70 16.88 20.22
C PHE A 730 -19.16 17.78 19.12
N ASN A 731 -19.84 17.82 17.99
CA ASN A 731 -19.43 18.74 16.88
C ASN A 731 -20.67 19.26 16.17
N ILE A 732 -20.71 20.57 15.90
CA ILE A 732 -21.83 21.18 15.19
C ILE A 732 -21.30 21.81 13.91
N GLU A 733 -21.92 21.47 12.78
CA GLU A 733 -21.54 21.99 11.48
C GLU A 733 -22.72 22.74 10.87
N LEU A 734 -22.42 23.79 10.11
CA LEU A 734 -23.45 24.61 9.47
C LEU A 734 -23.74 24.05 8.09
N ARG A 735 -24.98 23.58 7.90
CA ARG A 735 -25.41 23.00 6.64
C ARG A 735 -26.12 24.06 5.79
N GLY A 742 -25.82 14.73 3.09
CA GLY A 742 -25.66 13.40 3.66
C GLY A 742 -25.82 13.40 5.17
N LEU A 743 -25.91 12.18 5.72
CA LEU A 743 -26.08 12.00 7.15
C LEU A 743 -24.76 11.82 7.88
N GLY A 744 -23.63 11.91 7.19
CA GLY A 744 -22.34 11.83 7.83
C GLY A 744 -21.93 10.46 8.31
N THR A 745 -22.53 9.40 7.77
CA THR A 745 -22.18 8.04 8.20
C THR A 745 -20.75 7.69 7.83
N GLN A 746 -20.33 8.05 6.61
CA GLN A 746 -19.00 7.68 6.14
C GLN A 746 -17.91 8.42 6.92
N GLU A 747 -18.17 9.67 7.28
CA GLU A 747 -17.21 10.42 8.07
C GLU A 747 -17.06 9.82 9.47
N MET A 748 -18.16 9.41 10.08
CA MET A 748 -18.09 8.79 11.40
C MET A 748 -17.41 7.43 11.34
N LEU A 749 -17.60 6.70 10.24
CA LEU A 749 -16.98 5.38 10.11
C LEU A 749 -15.48 5.45 9.94
N ARG A 750 -14.93 6.62 9.58
CA ARG A 750 -13.50 6.79 9.36
C ARG A 750 -12.82 7.51 10.52
N SER A 751 -13.46 7.54 11.69
CA SER A 751 -12.96 8.36 12.79
C SER A 751 -12.14 7.59 13.82
N ASN A 752 -12.23 6.26 13.86
CA ASN A 752 -11.51 5.49 14.85
C ASN A 752 -10.13 5.08 14.32
N ILE A 753 -9.36 4.41 15.20
CA ILE A 753 -8.01 4.00 14.85
C ILE A 753 -7.97 2.84 13.86
N LEU A 754 -9.10 2.17 13.65
CA LEU A 754 -9.23 1.09 12.67
C LEU A 754 -10.37 1.48 11.74
N PRO A 755 -10.11 2.40 10.81
CA PRO A 755 -11.20 2.99 10.02
C PRO A 755 -11.84 2.00 9.06
N TYR A 756 -13.12 2.23 8.79
CA TYR A 756 -13.87 1.36 7.90
C TYR A 756 -13.41 1.53 6.46
N GLN A 757 -13.32 0.41 5.75
CA GLN A 757 -13.04 0.40 4.33
C GLN A 757 -14.08 -0.47 3.62
N ASN A 758 -14.58 0.02 2.50
CA ASN A 758 -15.64 -0.67 1.76
C ASN A 758 -15.05 -1.88 1.05
N THR A 759 -15.70 -3.04 1.21
CA THR A 759 -15.31 -4.26 0.51
C THR A 759 -16.42 -4.76 -0.41
N LEU A 760 -17.30 -3.88 -0.85
CA LEU A 760 -18.42 -4.23 -1.73
C LEU A 760 -19.36 -5.23 -1.08
N GLY B 2 -16.80 -30.19 -20.03
CA GLY B 2 -17.03 -29.43 -21.25
C GLY B 2 -16.10 -28.24 -21.41
N TRP B 3 -14.88 -28.38 -20.88
CA TRP B 3 -13.91 -27.31 -20.97
C TRP B 3 -13.37 -27.18 -22.40
N HIS B 4 -13.05 -25.95 -22.79
CA HIS B 4 -12.42 -25.68 -24.07
C HIS B 4 -11.59 -24.42 -23.95
N LEU B 5 -10.60 -24.30 -24.84
CA LEU B 5 -9.78 -23.10 -24.85
C LEU B 5 -10.61 -21.89 -25.23
N ARG B 6 -10.25 -20.73 -24.68
CA ARG B 6 -10.95 -19.49 -24.98
C ARG B 6 -10.80 -19.12 -26.45
N ASP B 7 -11.89 -19.25 -27.19
CA ASP B 7 -11.88 -19.01 -28.63
C ASP B 7 -12.07 -17.54 -29.00
N THR B 8 -12.54 -16.72 -28.07
CA THR B 8 -12.70 -15.29 -28.32
C THR B 8 -11.48 -14.54 -27.80
N THR B 9 -11.52 -13.22 -27.84
CA THR B 9 -10.46 -12.39 -27.33
C THR B 9 -10.86 -11.75 -26.01
N GLN B 10 -9.86 -11.46 -25.18
CA GLN B 10 -10.12 -10.78 -23.92
C GLN B 10 -10.70 -9.39 -24.14
N VAL B 11 -10.28 -8.70 -25.19
CA VAL B 11 -10.85 -7.43 -25.60
C VAL B 11 -11.82 -7.70 -26.74
N PRO B 12 -13.03 -7.14 -26.72
CA PRO B 12 -13.97 -7.38 -27.81
C PRO B 12 -13.46 -6.81 -29.13
N SER B 13 -13.91 -7.41 -30.23
CA SER B 13 -13.46 -7.02 -31.56
C SER B 13 -13.84 -5.59 -31.91
N THR B 14 -14.93 -5.07 -31.35
CA THR B 14 -15.32 -3.69 -31.59
C THR B 14 -14.44 -2.69 -30.85
N MET B 15 -13.61 -3.15 -29.92
CA MET B 15 -12.70 -2.29 -29.17
C MET B 15 -11.23 -2.56 -29.51
N LYS B 16 -10.97 -3.21 -30.64
CA LYS B 16 -9.59 -3.50 -31.03
C LYS B 16 -8.80 -2.25 -31.38
N VAL B 17 -9.48 -1.19 -31.80
CA VAL B 17 -8.87 0.12 -32.03
C VAL B 17 -9.62 1.11 -31.16
N MET B 18 -8.90 1.81 -30.29
CA MET B 18 -9.57 2.71 -29.35
C MET B 18 -8.66 3.86 -28.99
N ILE B 19 -9.25 4.88 -28.38
CA ILE B 19 -8.56 6.08 -27.94
C ILE B 19 -8.40 6.03 -26.44
N LEU B 20 -7.16 6.21 -25.97
CA LEU B 20 -6.87 6.26 -24.54
C LEU B 20 -6.70 7.72 -24.14
N ASP B 21 -7.53 8.17 -23.20
CA ASP B 21 -7.52 9.55 -22.75
C ASP B 21 -7.51 9.60 -21.23
N SER B 22 -6.71 10.52 -20.68
CA SER B 22 -6.65 10.72 -19.25
C SER B 22 -6.06 12.09 -18.97
N GLY B 23 -6.32 12.59 -17.76
CA GLY B 23 -5.73 13.84 -17.34
C GLY B 23 -4.28 13.76 -16.94
N ASP B 24 -3.76 12.55 -16.75
CA ASP B 24 -2.36 12.30 -16.43
C ASP B 24 -1.83 11.25 -17.39
N PRO B 25 -1.61 11.62 -18.65
CA PRO B 25 -1.13 10.63 -19.64
C PRO B 25 0.25 10.07 -19.35
N ASN B 26 1.07 10.77 -18.58
CA ASN B 26 2.40 10.30 -18.23
C ASN B 26 2.46 9.66 -16.85
N GLY B 27 1.31 9.44 -16.22
CA GLY B 27 1.26 8.87 -14.90
C GLY B 27 1.41 7.36 -14.92
N PRO B 28 1.56 6.78 -13.72
CA PRO B 28 1.73 5.32 -13.65
C PRO B 28 0.51 4.54 -14.08
N LEU B 29 -0.70 5.01 -13.74
CA LEU B 29 -1.91 4.30 -14.12
C LEU B 29 -2.09 4.30 -15.64
N SER B 30 -1.81 5.43 -16.28
CA SER B 30 -1.91 5.51 -17.73
C SER B 30 -0.92 4.58 -18.41
N ARG B 31 0.31 4.51 -17.88
CA ARG B 31 1.31 3.61 -18.43
C ARG B 31 0.90 2.15 -18.26
N ALA B 32 0.36 1.80 -17.09
CA ALA B 32 -0.09 0.43 -16.86
C ALA B 32 -1.25 0.06 -17.77
N VAL B 33 -2.21 0.98 -17.94
CA VAL B 33 -3.35 0.70 -18.81
C VAL B 33 -2.91 0.59 -20.26
N ARG B 34 -1.98 1.44 -20.68
CA ARG B 34 -1.47 1.37 -22.05
C ARG B 34 -0.73 0.06 -22.30
N ASN B 35 0.08 -0.38 -21.33
CA ASN B 35 0.78 -1.65 -21.47
C ASN B 35 -0.20 -2.81 -21.53
N GLN B 36 -1.24 -2.77 -20.68
CA GLN B 36 -2.25 -3.82 -20.69
C GLN B 36 -3.00 -3.85 -22.02
N LEU B 37 -3.38 -2.68 -22.54
CA LEU B 37 -4.07 -2.63 -23.83
C LEU B 37 -3.19 -3.12 -24.96
N ARG B 38 -1.90 -2.77 -24.94
CA ARG B 38 -0.98 -3.27 -25.96
C ARG B 38 -0.74 -4.77 -25.81
N LEU B 39 -0.95 -5.32 -24.61
CA LEU B 39 -0.78 -6.76 -24.42
C LEU B 39 -1.79 -7.57 -25.23
N ASN B 40 -3.06 -7.14 -25.24
CA ASN B 40 -4.10 -7.80 -26.01
C ASN B 40 -4.23 -7.25 -27.42
N GLY B 41 -3.17 -6.63 -27.95
CA GLY B 41 -3.16 -6.21 -29.34
C GLY B 41 -4.15 -5.12 -29.68
N VAL B 42 -4.45 -4.22 -28.75
CA VAL B 42 -5.35 -3.10 -29.01
C VAL B 42 -4.54 -1.97 -29.60
N GLU B 43 -5.06 -1.36 -30.66
CA GLU B 43 -4.40 -0.24 -31.33
C GLU B 43 -4.87 1.06 -30.69
N LEU B 44 -3.94 1.74 -30.03
CA LEU B 44 -4.24 2.98 -29.33
C LEU B 44 -4.05 4.18 -30.25
N LEU B 45 -5.02 5.09 -30.24
CA LEU B 45 -5.00 6.27 -31.06
C LEU B 45 -5.02 7.52 -30.18
N ASP B 46 -4.51 8.61 -30.73
CA ASP B 46 -4.58 9.90 -30.05
C ASP B 46 -6.00 10.45 -30.11
N LYS B 47 -6.33 11.31 -29.15
CA LYS B 47 -7.68 11.85 -29.07
C LYS B 47 -7.99 12.84 -30.18
N GLU B 48 -6.98 13.36 -30.86
CA GLU B 48 -7.18 14.33 -31.94
C GLU B 48 -7.31 13.67 -33.31
N THR B 49 -7.33 12.34 -33.37
CA THR B 49 -7.43 11.65 -34.64
C THR B 49 -8.79 11.90 -35.28
N THR B 50 -8.82 11.83 -36.62
CA THR B 50 -10.02 12.08 -37.38
C THR B 50 -10.82 10.81 -37.67
N ARG B 51 -10.37 9.66 -37.20
CA ARG B 51 -11.09 8.41 -37.44
C ARG B 51 -12.30 8.34 -36.52
N LYS B 52 -13.49 8.21 -37.12
CA LYS B 52 -14.72 8.13 -36.37
C LYS B 52 -15.02 6.68 -35.97
N ASP B 53 -16.02 6.52 -35.10
CA ASP B 53 -16.50 5.22 -34.67
C ASP B 53 -15.43 4.44 -33.92
N VAL B 54 -14.59 5.15 -33.19
CA VAL B 54 -13.54 4.56 -32.36
C VAL B 54 -13.93 4.78 -30.90
N PRO B 55 -14.17 3.72 -30.12
CA PRO B 55 -14.50 3.91 -28.70
C PRO B 55 -13.34 4.51 -27.94
N SER B 56 -13.67 5.32 -26.94
CA SER B 56 -12.68 6.06 -26.17
C SER B 56 -12.71 5.61 -24.72
N LEU B 57 -11.54 5.30 -24.17
CA LEU B 57 -11.40 4.93 -22.76
C LEU B 57 -10.81 6.11 -22.01
N ARG B 58 -11.61 6.75 -21.17
CA ARG B 58 -11.20 7.92 -20.41
C ARG B 58 -10.96 7.49 -18.96
N LEU B 59 -9.73 7.66 -18.50
CA LEU B 59 -9.37 7.27 -17.15
C LEU B 59 -9.66 8.41 -16.18
N GLY B 60 -10.44 8.11 -15.15
CA GLY B 60 -10.73 9.08 -14.11
C GLY B 60 -9.60 9.15 -13.10
N LYS B 61 -9.86 9.92 -12.04
CA LYS B 61 -8.87 10.07 -10.99
C LYS B 61 -8.86 8.87 -10.06
N VAL B 62 -7.67 8.45 -9.68
CA VAL B 62 -7.51 7.29 -8.80
C VAL B 62 -7.27 7.78 -7.38
N SER B 63 -7.61 6.92 -6.41
CA SER B 63 -7.42 7.22 -5.00
C SER B 63 -6.72 6.04 -4.35
N ILE B 64 -5.63 6.32 -3.63
CA ILE B 64 -4.89 5.31 -2.90
C ILE B 64 -4.97 5.65 -1.42
N ALA B 65 -5.51 4.72 -0.63
CA ALA B 65 -5.66 4.89 0.80
C ALA B 65 -4.80 3.86 1.53
N LYS B 66 -4.19 4.28 2.63
CA LYS B 66 -3.37 3.42 3.46
C LYS B 66 -3.88 3.50 4.89
N ASP B 67 -4.57 2.45 5.34
CA ASP B 67 -5.19 2.43 6.65
C ASP B 67 -4.57 1.34 7.51
N THR B 68 -4.90 1.37 8.80
CA THR B 68 -4.45 0.35 9.75
C THR B 68 -5.49 -0.76 9.80
N ALA B 69 -5.10 -1.96 9.39
CA ALA B 69 -6.01 -3.10 9.42
C ALA B 69 -6.02 -3.79 10.78
N SER B 70 -4.88 -3.85 11.46
CA SER B 70 -4.80 -4.47 12.76
C SER B 70 -3.74 -3.76 13.58
N VAL B 71 -3.81 -3.93 14.89
CA VAL B 71 -2.88 -3.29 15.83
C VAL B 71 -2.35 -4.34 16.79
N PHE B 72 -1.22 -4.02 17.41
CA PHE B 72 -0.65 -4.88 18.43
C PHE B 72 -1.31 -4.62 19.77
N ARG B 73 -0.81 -5.26 20.82
CA ARG B 73 -1.40 -5.12 22.15
C ARG B 73 -1.20 -3.72 22.74
N ASN B 74 -0.25 -2.95 22.23
CA ASN B 74 -0.01 -1.59 22.70
C ASN B 74 -0.74 -0.55 21.86
N GLY B 75 -1.56 -0.98 20.91
CA GLY B 75 -2.23 -0.06 20.02
C GLY B 75 -1.42 0.39 18.83
N GLN B 76 -0.20 -0.11 18.68
CA GLN B 76 0.63 0.22 17.53
C GLN B 76 0.15 -0.54 16.30
N THR B 77 0.39 0.04 15.13
CA THR B 77 -0.02 -0.59 13.89
C THR B 77 0.78 -1.86 13.66
N ALA B 78 0.06 -2.95 13.37
CA ALA B 78 0.68 -4.21 12.98
C ALA B 78 0.66 -4.41 11.47
N GLU B 79 -0.52 -4.30 10.86
CA GLU B 79 -0.69 -4.49 9.43
C GLU B 79 -1.32 -3.26 8.81
N TYR B 80 -0.76 -2.83 7.68
CA TYR B 80 -1.30 -1.74 6.88
C TYR B 80 -2.03 -2.34 5.68
N GLN B 81 -3.20 -1.79 5.38
CA GLN B 81 -3.97 -2.17 4.20
C GLN B 81 -4.01 -0.99 3.24
N MET B 82 -3.61 -1.26 1.99
CA MET B 82 -3.65 -0.27 0.92
C MET B 82 -4.81 -0.63 -0.01
N ILE B 83 -5.60 0.39 -0.35
CA ILE B 83 -6.76 0.23 -1.22
C ILE B 83 -6.63 1.23 -2.35
N MET B 84 -6.64 0.72 -3.59
CA MET B 84 -6.57 1.57 -4.78
C MET B 84 -7.91 1.49 -5.50
N THR B 85 -8.53 2.65 -5.71
CA THR B 85 -9.79 2.76 -6.42
C THR B 85 -9.58 3.59 -7.67
N VAL B 86 -10.00 3.05 -8.81
CA VAL B 86 -9.83 3.70 -10.10
C VAL B 86 -11.19 3.74 -10.79
N ASN B 87 -11.56 4.89 -11.34
CA ASN B 87 -12.77 5.05 -12.11
C ASN B 87 -12.42 5.38 -13.55
N ALA B 88 -13.26 4.92 -14.48
CA ALA B 88 -13.03 5.17 -15.90
C ALA B 88 -14.36 5.11 -16.62
N THR B 89 -14.39 5.63 -17.84
CA THR B 89 -15.58 5.59 -18.68
C THR B 89 -15.20 5.14 -20.09
N VAL B 90 -15.96 4.20 -20.62
CA VAL B 90 -15.82 3.76 -22.00
C VAL B 90 -16.95 4.37 -22.80
N LEU B 91 -16.60 5.27 -23.71
CA LEU B 91 -17.58 5.97 -24.53
C LEU B 91 -17.57 5.37 -25.93
N ILE B 92 -18.63 4.66 -26.27
CA ILE B 92 -18.90 4.27 -27.65
C ILE B 92 -19.67 5.42 -28.29
N PRO B 93 -19.15 6.02 -29.39
CA PRO B 93 -19.59 7.35 -29.82
C PRO B 93 -21.06 7.43 -30.22
N GLY B 94 -21.51 6.50 -31.06
CA GLY B 94 -22.91 6.47 -31.40
C GLY B 94 -23.80 6.11 -30.23
N ARG B 95 -23.38 5.11 -29.44
CA ARG B 95 -24.30 4.51 -28.48
C ARG B 95 -24.37 5.28 -27.15
N ASP B 96 -23.29 5.29 -26.38
CA ASP B 96 -23.42 5.73 -24.99
C ASP B 96 -22.06 5.66 -24.29
N ILE B 97 -22.03 6.18 -23.07
CA ILE B 97 -20.86 6.13 -22.21
C ILE B 97 -21.18 5.26 -21.00
N TYR B 98 -20.33 4.25 -20.76
CA TYR B 98 -20.52 3.31 -19.68
C TYR B 98 -19.42 3.46 -18.64
N PRO B 99 -19.74 3.67 -17.38
CA PRO B 99 -18.71 3.75 -16.34
C PRO B 99 -18.24 2.37 -15.90
N ILE B 100 -16.98 2.33 -15.45
CA ILE B 100 -16.37 1.13 -14.90
C ILE B 100 -15.43 1.55 -13.79
N SER B 101 -15.12 0.61 -12.91
CA SER B 101 -14.26 0.90 -11.77
C SER B 101 -13.46 -0.33 -11.40
N ALA B 102 -12.33 -0.11 -10.72
CA ALA B 102 -11.48 -1.17 -10.23
C ALA B 102 -11.09 -0.88 -8.78
N LYS B 103 -11.14 -1.91 -7.94
CA LYS B 103 -10.73 -1.81 -6.56
C LYS B 103 -9.70 -2.90 -6.27
N VAL B 104 -8.54 -2.49 -5.77
CA VAL B 104 -7.43 -3.40 -5.49
C VAL B 104 -7.07 -3.28 -4.02
N PHE B 105 -6.91 -4.42 -3.35
CA PHE B 105 -6.56 -4.49 -1.94
C PHE B 105 -5.21 -5.16 -1.78
N ARG B 106 -4.34 -4.56 -0.98
CA ARG B 106 -3.05 -5.15 -0.65
C ARG B 106 -2.79 -4.93 0.83
N SER B 107 -1.90 -5.75 1.39
CA SER B 107 -1.57 -5.66 2.80
C SER B 107 -0.07 -5.82 2.98
N PHE B 108 0.45 -5.21 4.04
CA PHE B 108 1.85 -5.43 4.39
C PHE B 108 2.06 -5.07 5.87
N PHE B 109 2.99 -5.77 6.49
CA PHE B 109 3.27 -5.53 7.90
C PHE B 109 4.22 -4.36 8.06
N ASP B 110 4.11 -3.67 9.20
CA ASP B 110 4.89 -2.49 9.49
C ASP B 110 6.13 -2.85 10.29
N ASN B 111 7.20 -2.09 10.06
CA ASN B 111 8.46 -2.28 10.79
C ASN B 111 9.14 -0.92 10.89
N PRO B 112 9.02 -0.25 12.04
CA PRO B 112 9.73 1.04 12.22
C PRO B 112 11.24 0.91 12.13
N GLN B 113 11.81 -0.18 12.65
CA GLN B 113 13.25 -0.35 12.69
C GLN B 113 13.88 -0.41 11.31
N MET B 114 13.11 -0.86 10.32
CA MET B 114 13.52 -0.82 8.92
C MET B 114 12.55 0.02 8.11
N ALA B 115 12.17 1.18 8.67
CA ALA B 115 11.10 2.02 8.13
C ALA B 115 11.35 2.45 6.69
N LEU B 116 12.59 2.88 6.40
CA LEU B 116 12.97 3.23 5.04
C LEU B 116 12.76 2.07 4.09
N ALA B 117 13.17 0.86 4.50
CA ALA B 117 12.95 -0.33 3.72
C ALA B 117 11.46 -0.55 3.46
N LYS B 118 10.65 -0.34 4.52
CA LYS B 118 9.21 -0.48 4.40
C LYS B 118 8.65 0.50 3.37
N ASP B 119 9.22 1.72 3.34
CA ASP B 119 8.80 2.72 2.38
C ASP B 119 9.03 2.23 0.96
N ASN B 120 10.21 1.62 0.73
CA ASN B 120 10.53 1.05 -0.57
C ASN B 120 9.53 -0.04 -0.92
N GLU B 121 9.21 -0.88 0.08
CA GLU B 121 8.24 -1.95 -0.12
C GLU B 121 6.90 -1.39 -0.52
N GLN B 122 6.51 -0.28 0.13
CA GLN B 122 5.23 0.37 -0.16
C GLN B 122 5.19 0.82 -1.61
N ASP B 123 6.31 1.38 -2.09
CA ASP B 123 6.39 1.83 -3.48
C ASP B 123 6.19 0.66 -4.43
N MET B 124 6.83 -0.48 -4.10
CA MET B 124 6.70 -1.67 -4.93
C MET B 124 5.26 -2.14 -4.96
N ILE B 125 4.59 -2.07 -3.80
CA ILE B 125 3.20 -2.49 -3.70
C ILE B 125 2.33 -1.62 -4.58
N VAL B 126 2.59 -0.31 -4.56
CA VAL B 126 1.81 0.61 -5.40
C VAL B 126 2.08 0.33 -6.86
N LYS B 127 3.34 -0.01 -7.19
CA LYS B 127 3.67 -0.30 -8.57
C LYS B 127 3.01 -1.60 -9.03
N GLU B 128 2.69 -2.50 -8.10
CA GLU B 128 1.92 -3.67 -8.48
C GLU B 128 0.45 -3.32 -8.66
N MET B 129 -0.07 -2.43 -7.80
CA MET B 129 -1.52 -2.26 -7.66
C MET B 129 -2.13 -1.70 -8.93
N TYR B 130 -1.45 -0.71 -9.53
CA TYR B 130 -1.87 -0.13 -10.80
C TYR B 130 -2.05 -1.19 -11.87
N ASP B 131 -1.08 -2.12 -11.94
CA ASP B 131 -1.13 -3.21 -12.90
C ASP B 131 -2.38 -4.05 -12.70
N ARG B 132 -2.68 -4.39 -11.44
CA ARG B 132 -3.87 -5.16 -11.12
C ARG B 132 -5.11 -4.39 -11.52
N ALA B 133 -5.10 -3.07 -11.26
CA ALA B 133 -6.23 -2.22 -11.61
C ALA B 133 -6.44 -2.23 -13.12
N ALA B 134 -5.33 -2.17 -13.86
CA ALA B 134 -5.39 -2.18 -15.32
C ALA B 134 -6.01 -3.47 -15.80
N GLU B 135 -5.64 -4.60 -15.18
CA GLU B 135 -6.19 -5.89 -15.56
C GLU B 135 -7.68 -5.92 -15.31
N GLN B 136 -8.11 -5.34 -14.18
CA GLN B 136 -9.53 -5.32 -13.85
C GLN B 136 -10.29 -4.51 -14.87
N LEU B 137 -9.69 -3.42 -15.35
CA LEU B 137 -10.34 -2.59 -16.35
C LEU B 137 -10.53 -3.38 -17.63
N ILE B 138 -9.52 -4.17 -18.01
CA ILE B 138 -9.63 -4.98 -19.22
C ILE B 138 -10.71 -6.04 -19.03
N ARG B 139 -10.82 -6.55 -17.80
CA ARG B 139 -11.83 -7.57 -17.54
C ARG B 139 -13.23 -6.99 -17.50
N LYS B 140 -13.38 -5.67 -17.47
CA LYS B 140 -14.70 -5.07 -17.60
C LYS B 140 -15.03 -4.69 -19.03
N LEU B 141 -14.12 -4.93 -19.97
CA LEU B 141 -14.41 -4.59 -21.37
C LEU B 141 -15.55 -5.39 -21.97
N PRO B 142 -15.62 -6.73 -21.85
CA PRO B 142 -16.76 -7.46 -22.42
C PRO B 142 -18.10 -7.09 -21.82
N SER B 143 -18.15 -6.79 -20.52
CA SER B 143 -19.42 -6.47 -19.88
C SER B 143 -20.02 -5.19 -20.44
N ILE B 144 -19.17 -4.25 -20.86
CA ILE B 144 -19.65 -3.08 -21.58
C ILE B 144 -20.24 -3.48 -22.91
N ARG B 145 -19.56 -4.39 -23.63
CA ARG B 145 -19.97 -4.77 -24.97
C ARG B 145 -21.33 -5.44 -24.98
N ALA B 146 -21.57 -6.33 -24.01
CA ALA B 146 -22.89 -6.91 -23.84
C ALA B 146 -23.92 -5.84 -23.52
N ALA B 147 -23.54 -4.85 -22.71
CA ALA B 147 -24.42 -3.72 -22.45
C ALA B 147 -24.70 -2.93 -23.73
N ASP B 148 -23.73 -2.90 -24.65
CA ASP B 148 -23.98 -2.28 -25.95
C ASP B 148 -24.92 -3.14 -26.78
N ILE B 149 -24.87 -4.46 -26.60
CA ILE B 149 -25.71 -5.35 -27.41
C ILE B 149 -27.11 -5.43 -26.82
N ARG B 150 -27.22 -5.35 -25.49
CA ARG B 150 -28.53 -5.44 -24.85
C ARG B 150 -29.41 -4.24 -25.21
N SER B 151 -28.83 -3.05 -25.24
CA SER B 151 -29.59 -1.85 -25.56
C SER B 151 -29.75 -1.68 -27.06
N ALA C 1 36.41 -9.07 -2.94
CA ALA C 1 36.45 -8.75 -4.36
C ALA C 1 37.05 -9.92 -5.15
N CYS C 2 37.01 -9.80 -6.47
CA CYS C 2 37.55 -10.83 -7.35
C CYS C 2 37.46 -10.31 -8.79
N LYS C 3 38.12 -11.03 -9.70
CA LYS C 3 38.12 -10.70 -11.11
C LYS C 3 37.59 -11.87 -11.91
N TRP C 4 36.75 -11.58 -12.90
CA TRP C 4 36.16 -12.62 -13.72
C TRP C 4 37.22 -13.34 -14.54
N GLU C 5 37.01 -14.63 -14.75
CA GLU C 5 37.90 -15.44 -15.58
C GLU C 5 37.60 -15.17 -17.05
N ASN C 6 38.17 -15.99 -17.93
CA ASN C 6 38.02 -15.77 -19.37
C ASN C 6 36.58 -16.03 -19.83
N ASP C 7 35.98 -17.11 -19.34
CA ASP C 7 34.63 -17.49 -19.77
C ASP C 7 33.62 -16.66 -18.99
N ILE C 8 33.38 -15.44 -19.50
CA ILE C 8 32.53 -14.49 -18.80
C ILE C 8 31.08 -14.95 -18.82
N TRP C 9 30.64 -15.57 -19.93
CA TRP C 9 29.24 -15.96 -20.04
C TRP C 9 28.89 -17.07 -19.06
N HIS C 10 29.71 -18.13 -19.02
CA HIS C 10 29.43 -19.22 -18.10
C HIS C 10 29.63 -18.79 -16.66
N CYS C 11 30.66 -17.97 -16.40
CA CYS C 11 30.96 -17.49 -15.06
C CYS C 11 29.90 -16.52 -14.54
N MET C 12 29.20 -15.83 -15.43
CA MET C 12 28.15 -14.91 -15.00
C MET C 12 26.95 -15.66 -14.42
N TRP C 13 26.65 -16.85 -14.93
CA TRP C 13 25.47 -17.59 -14.55
C TRP C 13 25.72 -18.61 -13.45
N MET C 14 26.96 -18.81 -13.04
CA MET C 14 27.24 -19.77 -11.98
C MET C 14 26.86 -19.19 -10.62
N ASP C 15 26.77 -20.07 -9.64
CA ASP C 15 26.48 -19.69 -8.25
C ASP C 15 27.79 -19.31 -7.57
N CYS C 16 27.67 -18.87 -6.32
CA CYS C 16 28.83 -18.51 -5.52
C CYS C 16 29.02 -19.57 -4.44
N ALA C 17 30.27 -19.74 -4.02
CA ALA C 17 30.61 -20.74 -3.01
C ALA C 17 29.97 -20.43 -1.67
N NH2 C 18 28.78 -20.99 -1.59
C1B LMT D . -4.11 -20.93 13.32
C2B LMT D . -3.34 -22.26 13.29
C3B LMT D . -4.03 -23.28 14.18
C4B LMT D . -4.26 -22.72 15.57
C5B LMT D . -5.03 -21.42 15.47
C6B LMT D . -5.24 -20.76 16.81
O1B LMT D . -5.35 -21.10 12.70
O2B LMT D . -3.24 -22.71 11.95
O3B LMT D . -3.23 -24.45 14.25
O4' LMT D . -5.02 -23.64 16.34
O5B LMT D . -4.29 -20.49 14.66
O6B LMT D . -6.54 -21.03 17.31
C1' LMT D . -7.93 -18.81 10.46
C2' LMT D . -6.51 -18.97 9.93
C3' LMT D . -5.85 -20.13 10.61
C4' LMT D . -5.89 -19.92 12.10
C5' LMT D . -7.32 -19.71 12.58
C6' LMT D . -7.41 -19.37 14.04
O1' LMT D . -8.50 -17.70 9.85
O2' LMT D . -6.52 -19.13 8.52
O3' LMT D . -4.51 -20.28 10.15
O5' LMT D . -7.90 -18.62 11.86
O6' LMT D . -8.47 -18.47 14.32
C1 LMT D . -9.88 -17.89 9.49
C2 LMT D . -9.96 -18.42 8.10
C3 LMT D . -9.51 -17.42 7.07
C4 LMT D . -8.64 -18.03 6.00
C5 LMT D . -8.58 -17.22 4.74
C6 LMT D . -9.68 -17.52 3.77
C7 LMT D . -9.33 -18.58 2.77
C8 LMT D . -8.53 -18.08 1.61
C9 LMT D . -8.00 -19.16 0.72
C10 LMT D . -8.99 -19.64 -0.31
C11 LMT D . -8.36 -20.01 -1.62
C12 LMT D . -7.39 -21.17 -1.52
H1B LMT D . -3.58 -20.26 12.83
H2B LMT D . -2.43 -22.10 13.66
H3B LMT D . -4.91 -23.51 13.77
H4B LMT D . -3.40 -22.56 16.00
H5B LMT D . -5.92 -21.60 15.07
H6'2 LMT D . -5.13 -19.79 16.71
H6'1 LMT D . -4.57 -21.08 17.44
H2O1 LMT D . -3.47 -22.09 11.44
H3O1 LMT D . -2.56 -24.34 13.75
H4O1 LMT D . -5.81 -23.65 16.07
H6B LMT D . -6.76 -21.82 17.09
H1' LMT D . -8.43 -19.61 10.25
H2' LMT D . -5.99 -18.15 10.16
H3' LMT D . -6.35 -20.96 10.38
H4' LMT D . -5.33 -19.13 12.35
H5' LMT D . -7.84 -20.53 12.40
H6D LMT D . -6.56 -18.97 14.33
H6E LMT D . -7.53 -20.19 14.57
H2O2 LMT D . -7.25 -19.46 8.29
H3O2 LMT D . -4.02 -19.78 10.62
H6' LMT D . -8.43 -17.82 13.78
H12 LMT D . -10.35 -17.03 9.55
H11 LMT D . -10.29 -18.51 10.11
H22 LMT D . -10.88 -18.68 7.91
H21 LMT D . -9.40 -19.22 8.03
H32 LMT D . -9.02 -16.70 7.51
H31 LMT D . -10.30 -17.02 6.64
H42 LMT D . -8.99 -18.91 5.79
H41 LMT D . -7.74 -18.12 6.36
H52 LMT D . -7.72 -17.38 4.30
H51 LMT D . -8.62 -16.26 4.98
H62 LMT D . -9.92 -16.69 3.29
H61 LMT D . -10.48 -17.81 4.27
H72 LMT D . -8.83 -19.28 3.22
H71 LMT D . -10.17 -18.98 2.42
H82 LMT D . -7.77 -17.56 1.96
H81 LMT D . -9.08 -17.47 1.08
H92 LMT D . -7.74 -19.92 1.28
H91 LMT D . -7.20 -18.84 0.27
H102 LMT D . -9.65 -18.93 -0.48
H101 LMT D . -9.46 -20.41 0.04
H112 LMT D . -7.87 -19.23 -1.97
H111 LMT D . -9.06 -20.24 -2.26
H123 LMT D . -7.80 -21.87 -0.97
H122 LMT D . -6.57 -20.88 -1.10
H121 LMT D . -7.21 -21.52 -2.40
C1B LMT E . -14.04 1.21 31.25
C2B LMT E . -13.56 0.22 32.33
C3B LMT E . -14.51 0.22 33.54
C4B LMT E . -14.58 1.64 34.16
C5B LMT E . -14.83 2.67 33.03
C6B LMT E . -13.72 3.75 33.02
O1B LMT E . -14.51 0.51 30.14
O2B LMT E . -13.52 -1.02 31.75
O3B LMT E . -14.14 -0.72 34.46
O4' LMT E . -15.63 1.72 35.05
O5B LMT E . -15.02 2.08 31.75
O6B LMT E . -12.46 3.21 32.92
C1' LMT E . -16.73 -0.43 27.31
C2' LMT E . -16.48 0.98 27.85
C3' LMT E . -16.72 1.04 29.38
C4' LMT E . -15.83 0.03 30.13
C5' LMT E . -15.81 -1.27 29.29
C6' LMT E . -15.76 -2.56 30.08
O1' LMT E . -17.90 -0.46 26.61
O2' LMT E . -15.19 1.32 27.61
O3' LMT E . -18.04 0.81 29.67
O5' LMT E . -16.90 -1.32 28.40
O6' LMT E . -14.43 -2.86 30.22
C1 LMT E . -17.80 -0.23 25.22
C2 LMT E . -17.75 -1.61 24.62
C3 LMT E . -18.93 -2.03 23.80
C4 LMT E . -18.87 -1.45 22.39
C5 LMT E . -19.68 -0.20 22.22
C6 LMT E . -19.86 0.12 20.77
C7 LMT E . -21.10 -0.56 20.27
C8 LMT E . -21.03 -0.64 18.78
C9 LMT E . -20.29 -1.84 18.26
C10 LMT E . -21.29 -2.89 17.84
C11 LMT E . -21.77 -2.66 16.43
C12 LMT E . -20.85 -3.28 15.44
H1B LMT E . -13.29 1.77 31.04
H2B LMT E . -12.70 0.54 32.64
H3B LMT E . -15.38 0.00 33.21
H4B LMT E . -13.73 1.84 34.58
H5B LMT E . -15.64 3.14 33.26
H6'2 LMT E . -13.87 4.32 33.79
H6'1 LMT E . -13.92 4.37 32.29
H2O1 LMT E . -12.94 -0.99 31.13
H3O1 LMT E . -13.34 -0.58 34.67
H4O1 LMT E . -16.34 1.50 34.63
H6B LMT E . -12.20 3.40 32.13
H1' LMT E . -15.96 -0.70 26.78
H2' LMT E . -17.14 1.56 27.43
H3' LMT E . -16.42 1.91 29.66
H4' LMT E . -16.20 -0.13 31.01
H5' LMT E . -14.95 -1.24 28.81
H6D LMT E . -16.25 -3.23 29.59
H6E LMT E . -16.28 -2.47 30.89
H2O2 LMT E . -15.11 2.14 27.81
H3O2 LMT E . -18.16 -0.03 29.56
H6' LMT E . -14.22 -2.61 31.01
H12 LMT E . -17.03 0.30 24.94
H11 LMT E . -18.55 0.28 24.91
H22 LMT E . -17.67 -2.24 25.35
H21 LMT E . -16.92 -1.71 24.12
H32 LMT E . -19.77 -1.80 24.23
H31 LMT E . -18.97 -2.99 23.73
H42 LMT E . -19.18 -2.12 21.76
H41 LMT E . -17.96 -1.28 22.11
H52 LMT E . -19.23 0.54 22.66
H51 LMT E . -20.54 -0.29 22.66
H62 LMT E . -19.10 -0.15 20.26
H61 LMT E . -19.92 1.07 20.64
H72 LMT E . -21.18 -1.45 20.65
H71 LMT E . -21.89 -0.08 20.56
H82 LMT E . -20.59 0.16 18.45
H81 LMT E . -21.92 -0.59 18.40
H92 LMT E . -19.69 -2.20 18.93
H91 LMT E . -19.73 -1.59 17.53
H102 LMT E . -22.05 -2.92 18.45
H101 LMT E . -20.88 -3.76 17.91
H112 LMT E . -21.85 -1.71 16.27
H111 LMT E . -22.66 -3.04 16.33
H123 LMT E . -21.13 -3.08 14.53
H122 LMT E . -20.82 -4.24 15.53
H121 LMT E . -19.94 -2.93 15.56
C1B LMT F . 22.46 -24.33 -13.75
C2B LMT F . 22.76 -24.46 -12.25
C3B LMT F . 24.14 -23.88 -11.95
C4B LMT F . 25.24 -24.67 -12.68
C5B LMT F . 24.74 -25.03 -14.10
C6B LMT F . 24.47 -26.54 -14.24
O1B LMT F . 21.71 -23.18 -13.94
O2B LMT F . 21.78 -23.77 -11.59
O3B LMT F . 24.37 -23.81 -10.60
O4' LMT F . 26.38 -23.90 -12.81
O5B LMT F . 23.62 -24.27 -14.53
O6B LMT F . 25.65 -27.22 -14.40
C1' LMT F . 19.68 -20.92 -16.74
C2' LMT F . 18.91 -22.13 -16.19
C3' LMT F . 19.62 -22.69 -14.92
C4' LMT F . 21.10 -22.97 -15.19
C5' LMT F . 21.69 -21.68 -15.80
C6' LMT F . 23.16 -21.74 -16.10
O1' LMT F . 19.15 -20.57 -17.96
O2' LMT F . 17.66 -21.73 -15.84
O3' LMT F . 19.01 -23.84 -14.50
O5' LMT F . 21.02 -21.30 -16.98
O6' LMT F . 23.80 -21.41 -14.95
C1 LMT F . 19.15 -19.19 -18.32
C2 LMT F . 20.39 -18.98 -19.15
C3 LMT F . 20.21 -18.95 -20.64
C4 LMT F . 20.12 -17.53 -21.14
C5 LMT F . 18.87 -16.85 -20.69
C6 LMT F . 18.58 -15.61 -21.47
C7 LMT F . 17.91 -15.93 -22.78
C8 LMT F . 17.46 -14.66 -23.41
C9 LMT F . 16.03 -14.29 -23.12
C10 LMT F . 15.76 -12.96 -23.75
C11 LMT F . 14.33 -12.55 -23.56
C12 LMT F . 13.45 -13.10 -24.63
H1B LMT F . 22.00 -25.15 -14.03
H2B LMT F . 22.79 -25.40 -12.03
H3B LMT F . 24.14 -22.98 -12.30
H4B LMT F . 25.41 -25.49 -12.22
H5B LMT F . 25.47 -24.84 -14.72
H6'2 LMT F . 23.83 -26.65 -14.96
H6'1 LMT F . 23.96 -26.84 -13.48
H2O1 LMT F . 21.11 -23.74 -12.12
H3O1 LMT F . 23.90 -24.41 -10.23
H4O1 LMT F . 26.99 -24.39 -13.13
H6B LMT F . 26.14 -26.97 -13.76
H1' LMT F . 19.64 -20.22 -16.07
H2' LMT F . 18.94 -22.83 -16.86
H3' LMT F . 19.60 -21.98 -14.27
H4' LMT F . 21.20 -23.71 -15.81
H5' LMT F . 21.60 -21.01 -15.10
H6D LMT F . 23.35 -21.14 -16.84
H6E LMT F . 23.38 -22.61 -16.49
H2O2 LMT F . 17.76 -21.12 -15.24
H3O2 LMT F . 18.24 -23.60 -14.25
H6' LMT F . 23.49 -21.92 -14.35
H12 LMT F . 19.11 -18.56 -17.58
H11 LMT F . 18.35 -18.99 -18.82
H22 LMT F . 21.01 -19.69 -18.93
H21 LMT F . 20.81 -18.17 -18.85
H32 LMT F . 19.42 -19.46 -20.91
H31 LMT F . 20.95 -19.40 -21.08
H42 LMT F . 20.18 -17.53 -22.10
H41 LMT F . 20.90 -17.02 -20.87
H52 LMT F . 18.95 -16.63 -19.74
H51 LMT F . 18.13 -17.48 -20.74
H62 LMT F . 19.39 -15.11 -21.62
H61 LMT F . 18.02 -15.01 -20.95
H72 LMT F . 17.15 -16.53 -22.65
H71 LMT F . 18.52 -16.41 -23.36
H82 LMT F . 17.57 -14.72 -24.38
H81 LMT F . 18.03 -13.92 -23.15
H92 LMT F . 15.87 -14.25 -22.16
H91 LMT F . 15.43 -14.97 -23.45
H102 LMT F . 16.34 -12.29 -23.39
H101 LMT F . 15.97 -12.99 -24.70
H112 LMT F . 14.28 -11.58 -23.55
H111 LMT F . 14.01 -12.84 -22.70
H123 LMT F . 13.63 -12.68 -25.49
H122 LMT F . 12.52 -12.96 -24.43
H121 LMT F . 13.61 -14.05 -24.74
C14 A1I1D G . 34.30 -16.79 -12.48
C01 A1I1D G . 35.23 -12.77 -8.52
C02 A1I1D G . 33.69 -12.68 -8.43
C04 A1I1D G . 31.31 -13.22 -9.09
C05 A1I1D G . 30.50 -14.52 -9.07
C07 A1I1D G . 30.47 -15.14 -6.69
C08 A1I1D G . 30.72 -16.00 -5.43
C10 A1I1D G . 31.50 -16.88 -8.10
C11 A1I1D G . 31.89 -17.40 -9.49
C13 A1I1D G . 33.23 -17.26 -11.49
C16 A1I1D G . 33.91 -15.59 -9.76
C17 A1I1D G . 33.41 -14.26 -10.34
N03 A1I1D G . 32.74 -13.43 -9.35
N06 A1I1D G . 30.87 -15.55 -8.08
N12 A1I1D G . 33.02 -16.69 -10.12
O09 A1I1D G . 29.94 -14.11 -6.49
O15 A1I1D G . 32.55 -18.15 -11.86
O18 A1I1D G . 33.32 -11.95 -7.56
H1 A1I1D G . 35.27 -17.09 -12.12
H2 A1I1D G . 34.13 -17.24 -13.46
H4 A1I1D G . 35.56 -13.77 -8.32
H5 A1I1D G . 35.57 -12.44 -9.50
H7 A1I1D G . 31.07 -12.67 -8.19
H8 A1I1D G . 30.92 -12.64 -9.93
H9 A1I1D G . 30.58 -14.96 -10.05
H10 A1I1D G . 29.46 -14.27 -8.93
H11 A1I1D G . 30.34 -15.48 -4.56
H12 A1I1D G . 31.78 -16.17 -5.30
H14 A1I1D G . 32.40 -16.88 -7.49
H15 A1I1D G . 30.81 -17.61 -7.70
H16 A1I1D G . 31.01 -17.30 -10.10
H17 A1I1D G . 32.16 -18.44 -9.39
H18 A1I1D G . 34.95 -15.76 -10.01
H19 A1I1D G . 33.89 -15.48 -8.67
H20 A1I1D G . 32.65 -14.51 -11.07
H21 A1I1D G . 34.19 -13.75 -10.89
#